data_4G0I
#
_entry.id   4G0I
#
_cell.length_a   149.147
_cell.length_b   149.147
_cell.length_c   105.340
_cell.angle_alpha   90.00
_cell.angle_beta   90.00
_cell.angle_gamma   120.00
#
_symmetry.space_group_name_H-M   'P 31 2 1'
#
loop_
_entity.id
_entity.type
_entity.pdbx_description
1 polymer 'protein yqjG'
2 non-polymer 'SULFATE ION'
3 non-polymer '2-(N-MORPHOLINO)-ETHANESULFONIC ACID'
4 water water
#
_entity_poly.entity_id   1
_entity_poly.type   'polypeptide(L)'
_entity_poly.pdbx_seq_one_letter_code
;MGQLIDGVWHDTWYDTKSTGGKFQRSASAFRNWLTADGAPGPTGTGGFIAEKDRYHLYVSLACPWAHRTLIMRKLKGLEP
FISVSVVNPLMLENGWTFDDSFPGATGDTLYQNEFLYQLYLHADPHYSGRVTVPVLWDKKNHTIVSNESAEIIRMFNTAF
DALGAKAGDYYPPALQTKIDELNGWIYDTVNNGVYKAGFATSQEAYDEAVAKVFESLARLEQILGQHRYLTGNQLTEADI
RLWTTLVRFDPVYVTHFKCDKHRISDYLNLYGFLRDIYQMPGIAETVNFDHIRNHYFRSHKTINPTGIISIGPWQDLDEP
HGRDVRFG
;
_entity_poly.pdbx_strand_id   A,B
#
# COMPACT_ATOMS: atom_id res chain seq x y z
N GLY A 2 13.25 -13.99 17.14
CA GLY A 2 14.66 -14.16 16.90
C GLY A 2 15.37 -14.48 18.18
N GLN A 3 16.48 -13.82 18.41
CA GLN A 3 17.23 -13.93 19.65
C GLN A 3 17.91 -15.23 20.04
N LEU A 4 19.18 -15.08 20.41
CA LEU A 4 19.94 -16.04 21.17
C LEU A 4 19.84 -15.61 22.61
N ILE A 5 19.74 -16.59 23.50
CA ILE A 5 19.77 -16.33 24.93
C ILE A 5 20.95 -16.97 25.66
N ASP A 6 21.35 -18.19 25.33
CA ASP A 6 22.67 -18.54 25.80
C ASP A 6 23.65 -19.00 24.74
N GLY A 7 23.17 -19.54 23.66
CA GLY A 7 21.78 -19.82 23.49
C GLY A 7 21.95 -21.02 22.62
N VAL A 8 20.85 -21.67 22.34
CA VAL A 8 19.59 -21.26 22.88
C VAL A 8 19.05 -20.14 22.07
N TRP A 9 18.86 -20.45 20.81
CA TRP A 9 18.01 -19.70 19.93
C TRP A 9 16.62 -19.86 20.45
N HIS A 10 15.89 -18.77 20.62
CA HIS A 10 14.52 -18.88 21.03
C HIS A 10 13.55 -18.33 20.00
N ASP A 11 12.98 -19.27 19.26
CA ASP A 11 12.26 -19.04 18.01
C ASP A 11 11.35 -17.86 18.08
N THR A 12 11.19 -17.31 19.27
CA THR A 12 10.33 -16.18 19.37
C THR A 12 10.25 -15.76 20.78
N TRP A 13 10.35 -16.73 21.65
CA TRP A 13 10.13 -16.54 23.06
C TRP A 13 11.20 -15.66 23.62
N TYR A 14 11.47 -14.56 22.90
CA TYR A 14 12.64 -13.73 23.16
C TYR A 14 12.42 -12.46 23.98
N ASP A 15 12.11 -12.65 25.25
CA ASP A 15 11.86 -13.97 25.79
C ASP A 15 10.87 -13.87 26.97
N THR A 16 10.82 -14.88 27.84
CA THR A 16 9.92 -14.74 29.01
C THR A 16 10.23 -13.34 29.64
N LYS A 17 9.43 -12.34 29.22
CA LYS A 17 9.51 -10.91 29.61
C LYS A 17 10.94 -10.37 29.61
N SER A 18 11.23 -9.53 30.63
CA SER A 18 12.59 -9.12 30.97
C SER A 18 13.10 -9.89 32.21
N THR A 19 12.82 -9.39 33.42
CA THR A 19 13.22 -10.07 34.67
C THR A 19 14.73 -10.54 34.71
N GLY A 20 15.53 -9.93 33.86
CA GLY A 20 16.89 -10.39 33.59
C GLY A 20 16.95 -10.80 32.13
N GLY A 21 17.49 -9.94 31.28
CA GLY A 21 18.03 -8.67 31.73
C GLY A 21 19.15 -8.10 30.88
N LYS A 22 18.78 -7.28 29.91
CA LYS A 22 19.70 -6.43 29.15
C LYS A 22 20.48 -7.07 28.01
N PHE A 23 20.08 -8.26 27.57
CA PHE A 23 20.77 -9.00 26.53
C PHE A 23 21.98 -8.30 25.90
N GLN A 24 22.94 -7.96 26.72
CA GLN A 24 22.80 -8.18 28.14
C GLN A 24 24.09 -7.61 28.64
N ARG A 25 25.02 -8.52 28.83
CA ARG A 25 26.41 -8.26 28.92
C ARG A 25 26.88 -8.46 27.50
N SER A 26 26.01 -9.14 26.75
CA SER A 26 26.19 -9.54 25.34
C SER A 26 25.81 -8.37 24.35
N ALA A 27 25.36 -7.25 24.92
CA ALA A 27 25.02 -6.01 24.26
C ALA A 27 26.25 -5.55 23.46
N SER A 28 27.24 -5.11 24.23
CA SER A 28 28.55 -4.60 23.78
C SER A 28 29.44 -5.67 23.10
N ALA A 29 28.90 -6.79 22.66
CA ALA A 29 29.78 -7.88 22.33
C ALA A 29 30.52 -7.61 21.06
N PHE A 30 29.94 -6.97 20.04
CA PHE A 30 30.90 -7.00 18.93
C PHE A 30 31.15 -5.65 18.37
N ARG A 31 32.00 -4.92 19.09
CA ARG A 31 32.33 -3.54 18.71
C ARG A 31 33.82 -3.30 18.65
N ASN A 32 34.53 -4.19 18.02
CA ASN A 32 35.92 -3.92 17.91
C ASN A 32 36.10 -3.14 16.57
N TRP A 33 37.29 -2.65 16.28
CA TRP A 33 37.58 -1.95 15.04
C TRP A 33 38.72 -2.56 14.27
N LEU A 34 38.53 -2.72 12.94
CA LEU A 34 39.68 -3.00 12.07
C LEU A 34 40.53 -1.71 12.00
N THR A 35 41.87 -1.73 12.11
CA THR A 35 42.72 -0.50 12.04
C THR A 35 43.95 -0.80 11.13
N ALA A 36 44.58 0.25 10.58
CA ALA A 36 45.72 0.19 9.75
C ALA A 36 46.87 -0.46 10.49
N ASP A 37 46.93 -0.35 11.80
CA ASP A 37 48.07 -0.98 12.51
C ASP A 37 47.69 -1.96 13.68
N GLY A 38 46.42 -2.28 13.93
CA GLY A 38 46.10 -3.38 14.84
C GLY A 38 45.97 -2.82 16.25
N ALA A 39 46.21 -1.53 16.47
CA ALA A 39 45.81 -0.91 17.70
C ALA A 39 44.27 -0.96 17.89
N PRO A 40 43.87 -0.88 19.15
CA PRO A 40 42.43 -0.97 19.41
C PRO A 40 41.80 0.28 18.82
N GLY A 41 40.58 0.20 18.34
CA GLY A 41 39.96 1.53 17.98
C GLY A 41 39.33 2.09 19.26
N PRO A 42 38.39 3.01 19.13
CA PRO A 42 37.80 3.69 20.28
C PRO A 42 36.98 2.76 21.24
N THR A 43 36.47 1.60 20.77
CA THR A 43 35.85 0.63 21.64
C THR A 43 36.49 -0.76 21.38
N GLY A 44 36.27 -1.76 22.25
CA GLY A 44 36.63 -3.16 21.88
C GLY A 44 38.14 -3.35 22.20
N THR A 45 38.75 -4.36 21.58
CA THR A 45 40.20 -4.59 21.81
C THR A 45 40.97 -4.42 20.41
N GLY A 46 42.28 -4.70 20.35
CA GLY A 46 43.14 -4.39 19.20
C GLY A 46 43.47 -5.72 18.61
N GLY A 47 44.38 -5.87 17.63
CA GLY A 47 44.42 -7.24 17.20
C GLY A 47 43.79 -7.36 15.84
N PHE A 48 43.08 -6.34 15.36
CA PHE A 48 42.44 -6.48 14.04
C PHE A 48 43.07 -5.65 12.96
N ILE A 49 44.33 -5.93 12.69
CA ILE A 49 45.04 -5.11 11.76
C ILE A 49 44.40 -5.42 10.40
N ALA A 50 44.35 -4.44 9.52
CA ALA A 50 43.83 -4.64 8.20
C ALA A 50 44.84 -5.48 7.41
N GLU A 51 44.35 -6.46 6.69
CA GLU A 51 45.27 -7.23 5.83
C GLU A 51 44.48 -8.09 4.86
N LYS A 52 45.11 -8.69 3.83
CA LYS A 52 44.35 -9.54 2.84
C LYS A 52 44.03 -10.83 3.49
N ASP A 53 43.08 -11.52 2.94
CA ASP A 53 42.72 -12.82 3.37
C ASP A 53 42.43 -13.10 4.77
N ARG A 54 42.03 -12.11 5.53
CA ARG A 54 41.59 -12.41 6.89
C ARG A 54 40.11 -12.17 7.15
N TYR A 55 39.49 -11.12 6.48
CA TYR A 55 38.17 -10.63 6.91
C TYR A 55 37.11 -10.97 5.88
N HIS A 56 35.89 -11.14 6.38
CA HIS A 56 34.80 -11.68 5.56
C HIS A 56 33.51 -10.90 6.00
N LEU A 57 32.57 -10.75 5.07
CA LEU A 57 31.28 -10.01 5.39
C LEU A 57 30.12 -10.95 5.16
N TYR A 58 29.32 -11.25 6.21
CA TYR A 58 28.08 -11.89 6.05
C TYR A 58 26.99 -10.77 5.95
N VAL A 59 26.22 -10.80 4.85
CA VAL A 59 25.18 -9.75 4.64
C VAL A 59 23.86 -10.30 4.22
N SER A 60 22.78 -9.52 4.37
CA SER A 60 21.61 -9.75 3.49
C SER A 60 21.57 -8.63 2.43
N LEU A 61 21.20 -8.95 1.18
CA LEU A 61 20.92 -8.02 0.15
C LEU A 61 19.62 -7.20 0.48
N ALA A 62 18.82 -7.59 1.46
CA ALA A 62 17.56 -6.95 1.69
C ALA A 62 17.73 -5.83 2.62
N CYS A 63 18.69 -5.98 3.53
CA CYS A 63 18.76 -5.17 4.74
C CYS A 63 19.60 -3.84 4.40
N PRO A 64 19.11 -2.63 4.78
CA PRO A 64 19.88 -1.43 4.41
C PRO A 64 21.19 -1.27 5.13
N TRP A 65 21.19 -1.72 6.37
CA TRP A 65 22.41 -1.73 7.12
C TRP A 65 23.50 -2.58 6.48
N ALA A 66 23.19 -3.77 6.05
CA ALA A 66 24.16 -4.52 5.34
C ALA A 66 24.48 -3.96 4.00
N HIS A 67 23.49 -3.39 3.31
CA HIS A 67 23.75 -2.83 1.98
C HIS A 67 24.86 -1.79 2.01
N ARG A 68 24.85 -0.95 3.05
CA ARG A 68 25.74 0.12 3.07
C ARG A 68 27.20 -0.49 3.12
N THR A 69 27.41 -1.61 3.80
CA THR A 69 28.83 -2.22 3.89
C THR A 69 29.23 -2.70 2.51
N LEU A 70 28.34 -3.25 1.71
CA LEU A 70 28.70 -3.61 0.35
C LEU A 70 28.93 -2.50 -0.59
N ILE A 71 28.21 -1.40 -0.40
CA ILE A 71 28.44 -0.24 -1.20
C ILE A 71 29.85 0.30 -0.88
N MET A 72 30.16 0.39 0.39
CA MET A 72 31.47 0.99 0.74
C MET A 72 32.58 0.01 0.27
N ARG A 73 32.34 -1.28 0.33
CA ARG A 73 33.33 -2.22 -0.22
C ARG A 73 33.58 -1.99 -1.70
N LYS A 74 32.55 -1.70 -2.52
CA LYS A 74 32.78 -1.34 -3.92
C LYS A 74 33.50 -0.03 -4.13
N LEU A 75 33.02 1.01 -3.46
CA LEU A 75 33.60 2.35 -3.64
C LEU A 75 35.05 2.40 -3.21
N LYS A 76 35.33 1.67 -2.12
CA LYS A 76 36.71 1.64 -1.65
C LYS A 76 37.56 0.60 -2.41
N GLY A 77 37.01 -0.17 -3.31
CA GLY A 77 37.88 -1.16 -3.97
C GLY A 77 38.34 -2.21 -2.94
N LEU A 78 37.51 -2.66 -1.98
CA LEU A 78 38.01 -3.65 -1.03
C LEU A 78 37.74 -5.06 -1.51
N GLU A 79 37.15 -5.29 -2.69
CA GLU A 79 36.84 -6.71 -3.05
C GLU A 79 38.12 -7.67 -2.89
N PRO A 80 39.33 -7.21 -3.25
CA PRO A 80 40.46 -8.08 -3.09
C PRO A 80 40.65 -8.40 -1.67
N PHE A 81 40.20 -7.59 -0.71
CA PHE A 81 40.41 -7.97 0.71
C PHE A 81 39.26 -8.59 1.45
N ILE A 82 38.01 -8.42 1.04
CA ILE A 82 36.91 -8.84 1.94
C ILE A 82 36.07 -9.69 1.04
N SER A 83 35.89 -10.93 1.40
CA SER A 83 35.01 -11.79 0.64
C SER A 83 33.61 -11.74 1.33
N VAL A 84 32.56 -12.30 0.70
CA VAL A 84 31.22 -12.05 1.17
C VAL A 84 30.33 -13.30 1.05
N SER A 85 29.54 -13.57 2.07
CA SER A 85 28.40 -14.48 1.92
C SER A 85 27.08 -13.77 2.11
N VAL A 86 26.07 -14.26 1.43
CA VAL A 86 24.76 -13.61 1.45
C VAL A 86 23.73 -14.56 2.02
N VAL A 87 23.24 -14.23 3.20
CA VAL A 87 22.18 -15.00 3.75
C VAL A 87 20.93 -15.07 2.81
N ASN A 88 20.01 -15.98 3.09
CA ASN A 88 18.77 -16.12 2.36
C ASN A 88 17.82 -14.90 2.83
N PRO A 89 16.97 -14.41 1.95
CA PRO A 89 16.12 -13.22 2.22
C PRO A 89 14.97 -13.45 3.09
N LEU A 90 14.42 -14.69 3.17
CA LEU A 90 13.30 -14.97 4.10
C LEU A 90 13.78 -15.36 5.45
N MET A 91 13.33 -14.55 6.39
CA MET A 91 13.85 -14.58 7.67
C MET A 91 12.69 -14.90 8.56
N LEU A 92 12.55 -16.20 8.82
CA LEU A 92 11.47 -16.79 9.59
C LEU A 92 11.84 -17.12 11.03
N GLU A 93 11.47 -18.31 11.52
CA GLU A 93 11.54 -18.61 12.96
C GLU A 93 13.00 -18.92 13.35
N ASN A 94 13.79 -19.46 12.44
CA ASN A 94 15.22 -19.41 12.68
C ASN A 94 16.04 -18.09 12.43
N GLY A 95 15.42 -16.96 12.04
CA GLY A 95 16.14 -15.70 11.79
C GLY A 95 16.93 -15.93 10.53
N TRP A 96 18.07 -15.27 10.34
CA TRP A 96 18.65 -15.39 9.00
C TRP A 96 19.23 -16.79 8.82
N THR A 97 19.28 -17.28 7.60
CA THR A 97 19.49 -18.66 7.29
C THR A 97 20.45 -18.73 6.17
N PHE A 98 21.18 -19.83 6.08
CA PHE A 98 22.09 -19.97 4.95
C PHE A 98 21.49 -20.79 3.82
N ASP A 99 20.19 -20.90 3.82
CA ASP A 99 19.62 -21.64 2.68
C ASP A 99 20.02 -20.97 1.34
N ASP A 100 20.61 -21.74 0.42
CA ASP A 100 20.93 -21.17 -0.88
C ASP A 100 19.98 -21.50 -2.03
N SER A 101 18.74 -21.82 -1.69
CA SER A 101 17.71 -22.15 -2.71
C SER A 101 17.18 -20.96 -3.49
N PHE A 102 17.71 -19.78 -3.18
CA PHE A 102 17.31 -18.48 -3.73
C PHE A 102 18.49 -17.89 -4.51
N PRO A 103 18.27 -17.48 -5.76
CA PRO A 103 19.38 -16.90 -6.53
C PRO A 103 19.96 -15.61 -5.88
N GLY A 104 21.26 -15.53 -6.03
CA GLY A 104 22.09 -14.78 -5.14
C GLY A 104 22.26 -15.12 -3.65
N ALA A 105 21.45 -15.98 -3.00
CA ALA A 105 21.87 -16.45 -1.70
C ALA A 105 23.04 -17.45 -1.96
N THR A 106 24.16 -17.31 -1.24
CA THR A 106 25.38 -18.08 -1.49
C THR A 106 25.54 -19.34 -0.50
N GLY A 107 24.74 -19.39 0.57
CA GLY A 107 25.07 -20.18 1.73
C GLY A 107 26.30 -19.58 2.42
N ASP A 108 26.63 -20.10 3.61
CA ASP A 108 27.87 -19.75 4.34
C ASP A 108 29.06 -20.29 3.56
N THR A 109 29.76 -19.48 2.75
CA THR A 109 30.78 -19.98 1.94
C THR A 109 32.07 -20.20 2.73
N LEU A 110 31.99 -20.09 4.03
CA LEU A 110 33.18 -20.31 4.83
C LEU A 110 33.03 -21.64 5.58
N TYR A 111 32.07 -21.77 6.49
CA TYR A 111 31.93 -22.93 7.36
C TYR A 111 30.72 -23.81 7.04
N GLN A 112 30.06 -23.51 5.93
CA GLN A 112 28.69 -23.99 5.76
C GLN A 112 27.83 -24.20 6.95
N ASN A 113 27.75 -23.26 7.91
CA ASN A 113 26.71 -23.43 8.86
C ASN A 113 25.37 -23.34 8.20
N GLU A 114 24.35 -23.45 9.02
CA GLU A 114 23.03 -23.52 8.45
C GLU A 114 22.27 -22.21 8.78
N PHE A 115 22.59 -21.60 9.93
CA PHE A 115 21.97 -20.40 10.39
C PHE A 115 23.03 -19.39 10.77
N LEU A 116 22.73 -18.11 10.58
CA LEU A 116 23.67 -17.09 10.95
C LEU A 116 23.89 -17.28 12.40
N TYR A 117 22.87 -17.66 13.19
CA TYR A 117 23.16 -17.71 14.65
C TYR A 117 24.31 -18.68 15.04
N GLN A 118 24.65 -19.60 14.14
CA GLN A 118 25.81 -20.51 14.41
C GLN A 118 27.11 -19.76 14.32
N LEU A 119 27.16 -18.69 13.49
CA LEU A 119 28.39 -17.87 13.40
C LEU A 119 28.47 -17.17 14.72
N TYR A 120 27.32 -16.73 15.17
CA TYR A 120 27.46 -15.97 16.38
C TYR A 120 27.87 -16.92 17.52
N LEU A 121 27.36 -18.17 17.52
CA LEU A 121 27.65 -19.09 18.68
C LEU A 121 29.11 -19.47 18.65
N HIS A 122 29.61 -19.73 17.44
CA HIS A 122 31.06 -19.98 17.30
C HIS A 122 31.96 -18.93 17.91
N ALA A 123 31.46 -17.69 18.04
CA ALA A 123 32.31 -16.53 18.32
C ALA A 123 32.07 -16.41 19.72
N ASP A 124 30.90 -16.85 20.08
CA ASP A 124 30.60 -16.78 21.49
C ASP A 124 29.48 -17.71 21.91
N PRO A 125 29.85 -18.86 22.50
CA PRO A 125 28.92 -19.92 22.88
C PRO A 125 27.88 -19.45 23.88
N HIS A 126 28.18 -18.40 24.65
CA HIS A 126 27.12 -17.99 25.63
C HIS A 126 26.40 -16.69 25.36
N TYR A 127 26.45 -16.33 24.08
CA TYR A 127 25.89 -15.04 23.63
C TYR A 127 24.42 -14.86 23.89
N SER A 128 24.05 -13.67 24.33
CA SER A 128 22.65 -13.32 24.40
C SER A 128 22.37 -11.96 23.69
N GLY A 129 21.47 -11.98 22.70
CA GLY A 129 21.13 -10.77 21.95
C GLY A 129 20.59 -11.01 20.55
N ARG A 130 20.31 -9.95 19.79
CA ARG A 130 19.82 -10.23 18.41
C ARG A 130 20.90 -10.72 17.43
N VAL A 131 20.51 -11.48 16.45
CA VAL A 131 21.44 -12.04 15.51
C VAL A 131 21.27 -11.30 14.17
N THR A 132 22.03 -10.21 13.96
CA THR A 132 21.75 -9.36 12.78
C THR A 132 22.85 -9.44 11.71
N VAL A 133 22.54 -9.09 10.45
CA VAL A 133 23.48 -8.61 9.50
C VAL A 133 23.68 -7.03 9.57
N PRO A 134 24.87 -6.53 9.17
CA PRO A 134 25.97 -7.27 8.57
C PRO A 134 26.87 -7.86 9.65
N VAL A 135 27.70 -8.86 9.33
CA VAL A 135 28.74 -9.20 10.38
C VAL A 135 30.11 -9.14 9.74
N LEU A 136 31.09 -8.50 10.40
CA LEU A 136 32.40 -8.37 9.75
C LEU A 136 33.20 -9.46 10.50
N TRP A 137 33.55 -10.53 9.83
CA TRP A 137 34.04 -11.72 10.58
C TRP A 137 35.54 -11.81 10.30
N ASP A 138 36.26 -12.28 11.31
CA ASP A 138 37.75 -12.40 11.32
C ASP A 138 38.05 -13.94 11.08
N LYS A 139 38.56 -14.34 9.91
CA LYS A 139 38.67 -15.77 9.58
C LYS A 139 39.91 -16.30 10.29
N LYS A 140 40.80 -15.46 10.79
CA LYS A 140 42.03 -15.95 11.51
C LYS A 140 41.74 -16.29 12.95
N ASN A 141 40.96 -15.48 13.60
CA ASN A 141 40.60 -15.79 14.94
C ASN A 141 39.24 -16.45 15.06
N HIS A 142 38.57 -16.78 13.96
CA HIS A 142 37.19 -17.35 14.14
C HIS A 142 36.31 -16.50 15.10
N THR A 143 36.19 -15.20 14.82
CA THR A 143 35.27 -14.44 15.69
C THR A 143 34.71 -13.16 14.90
N ILE A 144 33.95 -12.36 15.60
CA ILE A 144 33.24 -11.24 14.99
C ILE A 144 34.01 -10.05 15.35
N VAL A 145 34.44 -9.30 14.33
CA VAL A 145 35.11 -8.03 14.69
C VAL A 145 34.05 -7.09 15.17
N SER A 146 32.99 -6.95 14.34
CA SER A 146 31.92 -5.94 14.59
C SER A 146 30.64 -6.39 13.94
N ASN A 147 29.55 -6.05 14.57
CA ASN A 147 28.33 -6.17 13.72
C ASN A 147 27.58 -4.84 13.81
N GLU A 148 28.34 -3.77 13.91
CA GLU A 148 27.71 -2.42 13.94
C GLU A 148 28.10 -1.74 12.58
N SER A 149 27.10 -1.68 11.76
CA SER A 149 27.11 -1.27 10.41
C SER A 149 27.82 0.13 10.24
N ALA A 150 27.42 1.11 11.05
CA ALA A 150 28.02 2.45 11.02
C ALA A 150 29.52 2.45 11.21
N GLU A 151 29.98 1.50 12.01
CA GLU A 151 31.35 1.48 12.41
C GLU A 151 32.10 0.66 11.37
N ILE A 152 31.48 -0.38 10.79
CA ILE A 152 32.18 -1.15 9.72
C ILE A 152 32.46 -0.20 8.53
N ILE A 153 31.47 0.63 8.16
CA ILE A 153 31.63 1.61 7.05
C ILE A 153 32.85 2.56 7.37
N ARG A 154 33.01 3.08 8.58
CA ARG A 154 34.23 3.85 8.86
C ARG A 154 35.54 3.07 8.79
N MET A 155 35.55 1.79 9.19
CA MET A 155 36.77 0.96 9.09
C MET A 155 37.15 0.87 7.62
N PHE A 156 36.17 0.62 6.77
CA PHE A 156 36.35 0.36 5.40
C PHE A 156 36.78 1.71 4.76
N ASN A 157 36.33 2.80 5.32
CA ASN A 157 36.68 4.11 4.79
C ASN A 157 38.18 4.44 4.86
N THR A 158 38.92 3.87 5.83
CA THR A 158 40.37 4.23 6.00
C THR A 158 41.35 3.12 6.37
N ALA A 159 40.86 2.07 6.98
CA ALA A 159 41.74 1.03 7.48
C ALA A 159 42.56 0.34 6.38
N PHE A 160 42.09 0.21 5.14
CA PHE A 160 42.94 -0.43 4.16
C PHE A 160 43.68 0.49 3.26
N ASP A 161 43.81 1.74 3.69
CA ASP A 161 44.22 2.78 2.75
C ASP A 161 45.71 2.49 2.27
N ALA A 162 46.54 1.93 3.13
CA ALA A 162 48.00 1.75 2.88
C ALA A 162 48.13 0.39 2.20
N LEU A 163 47.04 -0.32 2.02
CA LEU A 163 47.16 -1.65 1.42
C LEU A 163 46.62 -1.64 0.00
N GLY A 164 46.34 -0.46 -0.50
CA GLY A 164 45.77 -0.43 -1.88
C GLY A 164 44.28 -0.04 -2.09
N ALA A 165 43.55 0.37 -1.04
CA ALA A 165 42.17 0.71 -1.13
C ALA A 165 42.15 1.89 -2.14
N LYS A 166 41.09 2.02 -2.95
CA LYS A 166 40.92 3.21 -3.77
C LYS A 166 40.84 4.44 -2.93
N ALA A 167 41.49 5.50 -3.40
CA ALA A 167 41.44 6.81 -2.77
C ALA A 167 40.00 7.25 -2.60
N GLY A 168 39.64 7.79 -1.45
CA GLY A 168 38.23 8.16 -1.23
C GLY A 168 38.00 8.31 0.23
N ASP A 169 37.47 9.45 0.64
CA ASP A 169 37.15 9.52 2.08
C ASP A 169 35.66 9.96 2.14
N TYR A 170 34.76 9.10 2.64
CA TYR A 170 33.32 9.41 2.69
C TYR A 170 32.95 10.06 4.05
N TYR A 171 33.99 10.32 4.86
CA TYR A 171 33.79 10.95 6.15
C TYR A 171 34.96 11.89 6.40
N PRO A 172 35.19 12.87 5.49
CA PRO A 172 36.48 13.58 5.66
C PRO A 172 36.41 14.63 6.77
N PRO A 173 37.55 15.05 7.34
CA PRO A 173 37.32 15.88 8.51
C PRO A 173 36.53 17.17 8.24
N ALA A 174 36.67 17.78 7.07
CA ALA A 174 36.04 19.03 6.82
C ALA A 174 34.53 18.86 6.80
N LEU A 175 33.98 17.67 6.65
CA LEU A 175 32.54 17.60 6.40
C LEU A 175 31.92 16.82 7.61
N GLN A 176 32.75 16.43 8.60
CA GLN A 176 32.24 15.47 9.56
C GLN A 176 31.08 16.03 10.39
N THR A 177 31.20 17.26 10.74
CA THR A 177 30.13 17.85 11.55
C THR A 177 28.79 17.91 10.82
N LYS A 178 28.83 18.37 9.60
CA LYS A 178 27.63 18.26 8.75
C LYS A 178 27.10 16.83 8.53
N ILE A 179 28.02 15.89 8.39
CA ILE A 179 27.57 14.56 8.08
C ILE A 179 26.86 14.00 9.34
N ASP A 180 27.38 14.30 10.48
CA ASP A 180 26.80 13.77 11.73
C ASP A 180 25.41 14.36 11.99
N GLU A 181 25.17 15.63 11.66
CA GLU A 181 23.89 16.24 11.84
C GLU A 181 22.92 15.59 10.87
N LEU A 182 23.34 15.43 9.62
CA LEU A 182 22.46 14.82 8.66
C LEU A 182 22.12 13.39 9.13
N ASN A 183 23.15 12.59 9.38
CA ASN A 183 22.91 11.20 9.79
C ASN A 183 21.90 11.09 10.96
N GLY A 184 21.99 11.97 11.97
CA GLY A 184 21.08 11.78 13.13
C GLY A 184 19.63 12.18 12.72
N TRP A 185 19.51 13.19 11.87
CA TRP A 185 18.17 13.67 11.44
C TRP A 185 17.52 12.63 10.47
N ILE A 186 18.26 12.12 9.56
CA ILE A 186 17.72 11.12 8.71
C ILE A 186 17.44 9.77 9.41
N TYR A 187 18.30 9.31 10.29
CA TYR A 187 17.96 8.16 11.19
C TYR A 187 16.53 8.34 11.84
N ASP A 188 16.41 9.42 12.54
CA ASP A 188 15.29 9.68 13.30
C ASP A 188 14.06 9.74 12.39
N THR A 189 14.08 10.58 11.38
CA THR A 189 12.79 10.98 10.82
C THR A 189 12.61 10.05 9.71
N VAL A 190 13.61 9.35 9.33
CA VAL A 190 13.36 8.71 8.07
C VAL A 190 13.68 7.27 8.23
N ASN A 191 14.97 6.85 8.14
CA ASN A 191 15.35 5.45 8.15
C ASN A 191 14.55 4.72 9.23
N ASN A 192 14.05 5.45 10.23
CA ASN A 192 13.37 4.84 11.31
C ASN A 192 12.04 5.46 11.71
N GLY A 193 11.43 6.16 10.73
CA GLY A 193 10.16 6.88 10.86
C GLY A 193 9.31 6.03 9.90
N VAL A 194 9.91 5.51 8.81
CA VAL A 194 9.23 4.56 8.01
C VAL A 194 8.91 3.27 8.77
N TYR A 195 9.81 2.84 9.64
CA TYR A 195 9.59 1.62 10.41
C TYR A 195 8.54 1.94 11.50
N LYS A 196 8.58 3.09 12.14
CA LYS A 196 7.53 3.33 13.09
C LYS A 196 6.21 3.41 12.36
N ALA A 197 6.18 3.82 11.09
CA ALA A 197 4.85 3.93 10.45
C ALA A 197 4.47 2.51 10.14
N GLY A 198 5.39 1.77 9.58
CA GLY A 198 4.95 0.51 9.03
C GLY A 198 4.46 -0.48 10.11
N PHE A 199 4.92 -0.32 11.35
CA PHE A 199 4.57 -1.23 12.47
C PHE A 199 3.84 -0.53 13.53
N ALA A 200 3.34 0.69 13.27
CA ALA A 200 2.53 1.35 14.27
C ALA A 200 1.29 0.47 14.57
N THR A 201 0.71 0.72 15.73
CA THR A 201 -0.42 -0.13 16.12
C THR A 201 -1.63 0.66 16.36
N SER A 202 -1.43 1.93 16.66
CA SER A 202 -2.52 2.81 16.66
C SER A 202 -2.43 3.87 15.52
N GLN A 203 -3.54 4.54 15.26
CA GLN A 203 -3.61 5.48 14.18
C GLN A 203 -2.86 6.74 14.55
N GLU A 204 -2.94 7.14 15.80
CA GLU A 204 -2.20 8.30 16.25
C GLU A 204 -0.73 8.12 16.00
N ALA A 205 -0.23 6.93 16.24
CA ALA A 205 1.17 6.63 16.07
C ALA A 205 1.52 6.55 14.63
N TYR A 206 0.64 5.97 13.82
CA TYR A 206 0.93 5.85 12.40
C TYR A 206 0.95 7.26 11.80
N ASP A 207 0.09 8.10 12.33
CA ASP A 207 -0.07 9.36 11.74
C ASP A 207 1.11 10.24 11.99
N GLU A 208 1.60 10.27 13.21
CA GLU A 208 2.70 11.17 13.54
C GLU A 208 4.06 10.70 12.90
N ALA A 209 4.25 9.40 12.76
CA ALA A 209 5.36 8.86 12.02
C ALA A 209 5.36 9.21 10.53
N VAL A 210 4.26 8.93 9.83
CA VAL A 210 4.17 9.07 8.45
C VAL A 210 4.35 10.58 8.15
N ALA A 211 3.83 11.48 8.99
CA ALA A 211 4.03 12.89 8.74
C ALA A 211 5.49 13.33 8.77
N LYS A 212 6.31 12.84 9.72
CA LYS A 212 7.75 13.06 9.82
C LYS A 212 8.42 12.53 8.56
N VAL A 213 7.97 11.37 8.09
CA VAL A 213 8.59 10.87 6.89
C VAL A 213 8.40 11.91 5.78
N PHE A 214 7.21 12.47 5.57
CA PHE A 214 7.01 13.29 4.34
C PHE A 214 7.46 14.68 4.53
N GLU A 215 7.54 15.09 5.77
CA GLU A 215 8.16 16.38 6.03
C GLU A 215 9.69 16.31 5.78
N SER A 216 10.31 15.19 6.06
CA SER A 216 11.77 15.10 5.85
C SER A 216 12.08 14.93 4.39
N LEU A 217 11.25 14.19 3.68
CA LEU A 217 11.45 14.08 2.29
C LEU A 217 11.31 15.45 1.58
N ALA A 218 10.33 16.27 1.91
CA ALA A 218 10.23 17.68 1.39
C ALA A 218 11.48 18.46 1.69
N ARG A 219 12.00 18.38 2.90
CA ARG A 219 13.26 19.10 3.23
C ARG A 219 14.47 18.60 2.39
N LEU A 220 14.51 17.32 2.21
CA LEU A 220 15.63 16.71 1.43
C LEU A 220 15.57 17.15 -0.02
N GLU A 221 14.32 17.30 -0.51
CA GLU A 221 14.10 17.68 -1.88
C GLU A 221 14.58 19.13 -2.02
N GLN A 222 14.44 19.97 -0.99
CA GLN A 222 15.07 21.31 -1.13
C GLN A 222 16.58 21.26 -1.09
N ILE A 223 17.16 20.49 -0.19
CA ILE A 223 18.65 20.45 -0.08
C ILE A 223 19.26 19.88 -1.40
N LEU A 224 18.68 18.82 -1.94
CA LEU A 224 19.20 18.12 -3.16
C LEU A 224 18.80 18.91 -4.42
N GLY A 225 18.00 19.96 -4.28
CA GLY A 225 17.74 20.88 -5.38
C GLY A 225 18.86 21.97 -5.41
N GLN A 226 19.65 22.05 -4.35
CA GLN A 226 20.71 23.14 -4.25
C GLN A 226 22.09 22.60 -4.76
N HIS A 227 22.32 21.29 -4.63
CA HIS A 227 23.59 20.74 -5.04
C HIS A 227 23.52 19.23 -5.25
N ARG A 228 24.58 18.64 -5.76
CA ARG A 228 24.43 17.33 -6.27
C ARG A 228 24.11 16.29 -5.11
N TYR A 229 24.75 16.48 -3.96
CA TYR A 229 24.68 15.46 -2.83
C TYR A 229 24.26 16.20 -1.61
N LEU A 230 24.17 15.57 -0.45
CA LEU A 230 23.60 16.32 0.62
C LEU A 230 24.46 17.39 1.16
N THR A 231 25.79 17.32 1.02
CA THR A 231 26.60 18.33 1.79
C THR A 231 27.20 19.26 0.69
N GLY A 232 26.97 18.95 -0.58
CA GLY A 232 27.68 19.74 -1.61
C GLY A 232 27.83 18.80 -2.75
N ASN A 233 28.98 18.93 -3.39
CA ASN A 233 29.27 18.20 -4.56
C ASN A 233 30.16 17.01 -4.33
N GLN A 234 30.45 16.65 -3.04
CA GLN A 234 31.14 15.42 -2.74
C GLN A 234 30.15 14.33 -2.18
N LEU A 235 30.28 13.07 -2.56
CA LEU A 235 29.53 11.95 -2.02
C LEU A 235 30.08 11.59 -0.63
N THR A 236 29.17 11.50 0.33
CA THR A 236 29.52 11.07 1.69
C THR A 236 28.75 9.91 2.19
N GLU A 237 29.17 9.47 3.40
CA GLU A 237 28.46 8.36 3.99
C GLU A 237 27.02 8.76 4.31
N ALA A 238 26.71 10.06 4.54
CA ALA A 238 25.31 10.44 4.86
C ALA A 238 24.48 10.22 3.61
N ASP A 239 25.03 10.42 2.40
CA ASP A 239 24.25 10.18 1.18
C ASP A 239 24.09 8.72 1.03
N ILE A 240 25.15 7.97 1.26
CA ILE A 240 25.00 6.46 1.13
C ILE A 240 23.92 5.94 2.04
N ARG A 241 23.90 6.45 3.28
CA ARG A 241 22.85 5.95 4.20
C ARG A 241 21.43 6.28 3.74
N LEU A 242 21.24 7.52 3.30
CA LEU A 242 19.92 7.92 2.78
C LEU A 242 19.54 7.08 1.54
N TRP A 243 20.50 6.91 0.64
CA TRP A 243 20.22 6.21 -0.59
C TRP A 243 19.74 4.80 -0.29
N THR A 244 20.34 4.07 0.67
CA THR A 244 19.82 2.68 0.90
C THR A 244 18.37 2.65 1.41
N THR A 245 17.92 3.71 2.04
CA THR A 245 16.49 3.82 2.37
C THR A 245 15.68 4.20 1.08
N LEU A 246 16.21 5.09 0.26
CA LEU A 246 15.43 5.52 -0.87
C LEU A 246 15.26 4.42 -1.85
N VAL A 247 16.28 3.58 -2.01
CA VAL A 247 16.17 2.56 -3.04
C VAL A 247 15.11 1.47 -2.63
N ARG A 248 14.65 1.47 -1.42
CA ARG A 248 13.67 0.46 -1.05
C ARG A 248 12.32 1.11 -0.90
N PHE A 249 12.28 2.44 -1.08
CA PHE A 249 11.06 3.18 -0.65
C PHE A 249 9.90 2.77 -1.58
N ASP A 250 10.15 2.84 -2.88
CA ASP A 250 9.08 2.51 -3.80
C ASP A 250 8.76 1.02 -3.90
N PRO A 251 9.80 0.14 -3.96
CA PRO A 251 9.54 -1.32 -3.99
C PRO A 251 8.82 -1.83 -2.73
N VAL A 252 8.87 -1.11 -1.61
CA VAL A 252 8.35 -1.67 -0.43
C VAL A 252 7.78 -0.64 0.48
N TYR A 253 8.48 0.43 0.81
CA TYR A 253 7.88 1.11 1.95
C TYR A 253 6.57 1.84 1.59
N VAL A 254 6.44 2.26 0.35
CA VAL A 254 5.24 2.98 -0.10
C VAL A 254 3.96 2.14 0.22
N THR A 255 3.93 0.92 -0.26
CA THR A 255 2.78 0.04 -0.06
C THR A 255 2.91 -0.78 1.21
N HIS A 256 4.05 -1.47 1.44
CA HIS A 256 4.21 -2.36 2.66
C HIS A 256 4.11 -1.57 3.91
N PHE A 257 4.78 -0.45 3.96
CA PHE A 257 4.75 0.26 5.21
C PHE A 257 3.79 1.44 5.15
N LYS A 258 2.95 1.50 4.11
CA LYS A 258 1.93 2.57 4.14
C LYS A 258 2.50 4.02 4.13
N CYS A 259 3.67 4.17 3.53
CA CYS A 259 4.35 5.48 3.39
C CYS A 259 3.91 6.00 2.01
N ASP A 260 2.59 6.33 1.82
CA ASP A 260 2.09 6.26 0.45
C ASP A 260 1.62 7.67 -0.14
N LYS A 261 1.92 8.74 0.59
CA LYS A 261 1.54 10.07 0.14
C LYS A 261 2.19 10.39 -1.26
N HIS A 262 3.52 10.12 -1.43
CA HIS A 262 4.18 10.32 -2.71
C HIS A 262 5.19 9.22 -2.87
N ARG A 263 5.51 8.86 -4.09
CA ARG A 263 6.62 7.97 -4.42
CA ARG A 263 6.59 7.95 -4.46
C ARG A 263 7.86 8.79 -4.65
N ILE A 264 9.02 8.16 -4.55
CA ILE A 264 10.23 8.91 -4.69
C ILE A 264 10.29 9.35 -6.13
N SER A 265 9.81 8.55 -7.08
CA SER A 265 9.72 9.06 -8.49
C SER A 265 8.94 10.39 -8.73
N ASP A 266 8.23 10.86 -7.74
CA ASP A 266 7.50 12.10 -7.87
C ASP A 266 8.38 13.26 -7.46
N TYR A 267 9.60 13.03 -6.93
CA TYR A 267 10.34 14.18 -6.46
C TYR A 267 11.46 14.27 -7.52
N LEU A 268 11.57 15.42 -8.17
CA LEU A 268 12.64 15.64 -9.19
C LEU A 268 14.01 15.32 -8.61
N ASN A 269 14.34 15.96 -7.48
CA ASN A 269 15.77 15.94 -7.01
C ASN A 269 16.07 14.57 -6.30
N LEU A 270 15.14 14.09 -5.48
CA LEU A 270 15.33 12.79 -4.76
C LEU A 270 15.46 11.70 -5.78
N TYR A 271 14.64 11.73 -6.80
CA TYR A 271 14.66 10.64 -7.74
C TYR A 271 15.95 10.69 -8.67
N GLY A 272 16.39 11.90 -9.02
CA GLY A 272 17.63 12.06 -9.74
C GLY A 272 18.79 11.59 -8.86
N PHE A 273 18.83 11.97 -7.57
CA PHE A 273 19.87 11.48 -6.63
C PHE A 273 19.85 9.94 -6.54
N LEU A 274 18.65 9.34 -6.41
CA LEU A 274 18.54 7.89 -6.51
C LEU A 274 19.21 7.25 -7.74
N ARG A 275 18.97 7.74 -8.93
CA ARG A 275 19.57 7.15 -10.14
C ARG A 275 21.04 7.48 -10.22
N ASP A 276 21.40 8.60 -9.70
CA ASP A 276 22.78 9.11 -9.85
C ASP A 276 23.67 8.16 -9.13
N ILE A 277 23.29 7.84 -7.90
CA ILE A 277 24.15 6.86 -7.20
C ILE A 277 23.95 5.44 -7.77
N TYR A 278 22.72 5.12 -8.19
CA TYR A 278 22.47 3.78 -8.66
C TYR A 278 23.39 3.48 -9.90
N GLN A 279 23.62 4.54 -10.68
CA GLN A 279 24.37 4.43 -11.89
C GLN A 279 25.94 4.48 -11.67
N MET A 280 26.46 4.72 -10.47
CA MET A 280 27.92 4.66 -10.27
C MET A 280 28.42 3.25 -10.50
N PRO A 281 29.52 3.18 -11.19
CA PRO A 281 30.12 1.90 -11.58
C PRO A 281 30.19 0.97 -10.36
N GLY A 282 29.60 -0.23 -10.41
CA GLY A 282 29.68 -1.12 -9.24
C GLY A 282 28.42 -1.18 -8.40
N ILE A 283 27.62 -0.12 -8.37
CA ILE A 283 26.65 -0.08 -7.26
C ILE A 283 25.41 -0.84 -7.71
N ALA A 284 25.07 -0.77 -9.02
CA ALA A 284 23.82 -1.44 -9.41
C ALA A 284 23.80 -2.88 -8.97
N GLU A 285 24.99 -3.52 -9.01
CA GLU A 285 25.00 -4.93 -8.77
C GLU A 285 24.86 -5.28 -7.29
N THR A 286 24.97 -4.28 -6.42
CA THR A 286 24.70 -4.56 -5.00
C THR A 286 23.21 -4.50 -4.81
N VAL A 287 22.43 -4.22 -5.85
CA VAL A 287 20.98 -3.96 -5.56
C VAL A 287 20.26 -5.20 -5.99
N ASN A 288 19.57 -5.85 -5.09
CA ASN A 288 18.80 -7.01 -5.61
C ASN A 288 17.37 -6.91 -5.14
N PHE A 289 16.52 -6.50 -6.04
CA PHE A 289 15.07 -6.23 -5.67
C PHE A 289 14.27 -7.46 -5.28
N ASP A 290 14.51 -8.62 -5.90
CA ASP A 290 13.86 -9.92 -5.40
C ASP A 290 14.19 -10.14 -3.99
N HIS A 291 15.44 -9.89 -3.62
CA HIS A 291 15.71 -10.19 -2.22
C HIS A 291 14.98 -9.25 -1.36
N ILE A 292 15.02 -7.95 -1.78
CA ILE A 292 14.46 -6.88 -0.90
C ILE A 292 12.96 -7.15 -0.78
N ARG A 293 12.34 -7.41 -1.93
CA ARG A 293 10.88 -7.60 -1.93
C ARG A 293 10.41 -8.86 -1.18
N ASN A 294 11.04 -9.99 -1.49
CA ASN A 294 10.68 -11.22 -0.70
C ASN A 294 10.95 -11.00 0.71
N HIS A 295 12.03 -10.31 1.02
CA HIS A 295 12.30 -10.26 2.42
C HIS A 295 11.21 -9.51 3.17
N TYR A 296 10.81 -8.33 2.70
CA TYR A 296 9.93 -7.43 3.58
C TYR A 296 8.47 -7.98 3.56
N PHE A 297 8.06 -8.49 2.39
CA PHE A 297 6.70 -8.87 2.18
C PHE A 297 6.30 -10.15 2.95
N ARG A 298 7.09 -11.21 2.75
CA ARG A 298 7.06 -12.50 3.46
C ARG A 298 7.52 -12.63 4.93
N SER A 299 8.60 -11.98 5.29
CA SER A 299 9.01 -12.02 6.67
C SER A 299 8.08 -11.31 7.64
N HIS A 300 7.23 -10.38 7.22
CA HIS A 300 6.53 -9.66 8.32
C HIS A 300 5.09 -10.03 8.39
N LYS A 301 4.86 -11.28 8.76
CA LYS A 301 3.51 -11.81 8.75
C LYS A 301 2.52 -10.95 9.58
N THR A 302 2.96 -10.32 10.64
CA THR A 302 2.00 -9.51 11.40
C THR A 302 1.36 -8.35 10.64
N ILE A 303 2.05 -7.89 9.60
CA ILE A 303 1.69 -6.70 8.84
C ILE A 303 1.03 -7.09 7.57
N ASN A 304 1.56 -8.14 6.98
CA ASN A 304 1.10 -8.63 5.72
C ASN A 304 0.81 -10.19 5.79
N PRO A 305 -0.29 -10.53 6.44
CA PRO A 305 -0.63 -11.94 6.70
C PRO A 305 -0.60 -12.84 5.47
N THR A 306 -1.13 -12.38 4.35
CA THR A 306 -0.99 -13.25 3.16
C THR A 306 0.40 -13.52 2.60
N GLY A 307 1.36 -12.66 2.99
CA GLY A 307 2.64 -12.80 2.32
C GLY A 307 2.66 -12.53 0.82
N ILE A 308 1.62 -11.88 0.32
CA ILE A 308 1.66 -11.54 -1.10
C ILE A 308 2.63 -10.30 -1.30
N ILE A 309 3.37 -10.35 -2.39
CA ILE A 309 4.22 -9.27 -2.81
C ILE A 309 3.51 -8.41 -3.91
N SER A 310 3.16 -7.20 -3.51
CA SER A 310 2.57 -6.15 -4.36
C SER A 310 3.38 -6.03 -5.65
N ILE A 311 2.71 -5.82 -6.78
CA ILE A 311 3.34 -5.81 -8.09
C ILE A 311 4.39 -4.66 -8.17
N GLY A 312 4.12 -3.64 -7.39
CA GLY A 312 5.08 -2.60 -7.19
C GLY A 312 5.05 -1.46 -8.18
N PRO A 313 5.29 -0.26 -7.59
CA PRO A 313 5.39 1.00 -8.32
C PRO A 313 6.30 0.84 -9.44
N TRP A 314 5.82 1.33 -10.53
CA TRP A 314 6.58 1.31 -11.75
C TRP A 314 7.80 2.26 -11.64
N GLN A 315 8.94 1.89 -12.25
CA GLN A 315 10.08 2.82 -12.30
C GLN A 315 11.23 2.13 -13.01
N ASP A 316 12.31 2.86 -13.26
CA ASP A 316 13.40 2.53 -14.17
C ASP A 316 14.66 3.40 -13.82
N LEU A 317 15.58 2.82 -13.08
CA LEU A 317 16.60 3.62 -12.50
C LEU A 317 17.75 3.83 -13.41
N ASP A 318 17.71 3.32 -14.64
CA ASP A 318 18.79 3.63 -15.61
C ASP A 318 18.59 4.91 -16.49
N GLU A 319 17.43 5.52 -16.44
CA GLU A 319 17.17 6.82 -17.10
C GLU A 319 18.24 7.86 -16.73
N PRO A 320 18.78 8.61 -17.70
CA PRO A 320 19.83 9.58 -17.40
C PRO A 320 19.32 10.70 -16.49
N HIS A 321 20.19 11.36 -15.73
CA HIS A 321 19.65 12.25 -14.69
C HIS A 321 20.19 13.65 -14.74
N GLY A 322 21.34 13.86 -15.40
CA GLY A 322 21.77 15.27 -15.59
C GLY A 322 22.46 15.91 -14.43
N ARG A 323 22.54 15.18 -13.32
CA ARG A 323 22.94 15.85 -12.07
C ARG A 323 24.41 16.06 -12.04
N ASP A 324 25.12 15.31 -12.84
CA ASP A 324 26.58 15.57 -13.00
C ASP A 324 26.84 16.92 -13.74
N VAL A 325 25.83 17.51 -14.36
CA VAL A 325 26.02 18.76 -15.06
C VAL A 325 25.29 19.96 -14.44
N ARG A 326 24.06 19.71 -13.97
CA ARG A 326 23.13 20.76 -13.60
C ARG A 326 23.75 21.64 -12.61
N PHE A 327 24.49 21.01 -11.72
CA PHE A 327 25.15 21.71 -10.63
C PHE A 327 26.42 20.91 -10.65
N GLY A 328 27.34 21.79 -10.24
CA GLY A 328 26.94 23.20 -10.03
C GLY A 328 27.23 23.55 -11.47
N GLY B 2 -21.17 -12.12 6.84
CA GLY B 2 -22.53 -11.64 7.12
C GLY B 2 -23.65 -12.07 6.16
N GLN B 3 -24.90 -12.11 6.62
CA GLN B 3 -25.98 -12.68 5.80
C GLN B 3 -27.20 -12.99 6.66
N LEU B 4 -28.40 -12.91 6.10
CA LEU B 4 -29.59 -13.40 6.77
C LEU B 4 -29.88 -14.79 6.30
N ILE B 5 -30.41 -15.60 7.19
CA ILE B 5 -30.72 -16.99 6.91
C ILE B 5 -32.21 -17.29 6.94
N ASP B 6 -32.93 -16.71 7.88
CA ASP B 6 -34.37 -16.72 7.76
C ASP B 6 -35.03 -15.38 7.90
N GLY B 7 -34.61 -14.56 8.84
CA GLY B 7 -33.54 -14.91 9.73
C GLY B 7 -33.72 -13.96 10.86
N VAL B 8 -32.82 -13.99 11.81
CA VAL B 8 -31.71 -14.92 11.77
C VAL B 8 -30.59 -14.40 10.90
N TRP B 9 -30.08 -13.31 11.40
CA TRP B 9 -28.73 -12.78 11.10
C TRP B 9 -27.58 -13.68 11.63
N HIS B 10 -26.80 -14.18 10.68
CA HIS B 10 -25.51 -14.84 10.92
C HIS B 10 -24.20 -13.98 10.86
N ASP B 11 -23.87 -13.38 12.01
CA ASP B 11 -22.66 -12.55 12.18
C ASP B 11 -21.54 -12.73 11.15
N THR B 12 -20.98 -13.92 11.05
CA THR B 12 -19.81 -14.05 10.16
C THR B 12 -19.92 -15.41 9.49
N TRP B 13 -20.43 -16.36 10.29
CA TRP B 13 -20.48 -17.77 9.93
C TRP B 13 -21.52 -17.93 8.87
N TYR B 14 -21.06 -18.29 7.69
CA TYR B 14 -21.96 -18.75 6.65
C TYR B 14 -21.33 -19.74 5.63
N ASP B 15 -20.84 -20.92 6.08
CA ASP B 15 -20.72 -21.39 7.51
C ASP B 15 -19.71 -22.61 7.71
N THR B 16 -20.24 -23.86 7.68
CA THR B 16 -19.45 -25.15 7.79
C THR B 16 -19.63 -26.22 6.61
N LYS B 17 -20.48 -25.91 5.60
CA LYS B 17 -20.73 -26.77 4.40
C LYS B 17 -21.74 -26.13 3.34
N SER B 18 -21.75 -26.64 2.09
CA SER B 18 -22.72 -26.21 1.04
C SER B 18 -23.62 -27.38 0.51
N THR B 19 -23.42 -27.81 -0.75
CA THR B 19 -24.26 -28.85 -1.45
C THR B 19 -25.63 -28.31 -2.03
N GLY B 20 -25.58 -27.08 -2.57
CA GLY B 20 -26.74 -26.39 -3.16
C GLY B 20 -27.62 -25.53 -2.25
N GLY B 21 -27.51 -24.19 -2.34
CA GLY B 21 -26.61 -23.49 -3.26
C GLY B 21 -26.39 -22.01 -2.87
N LYS B 22 -26.28 -21.12 -3.89
CA LYS B 22 -26.17 -19.66 -3.67
C LYS B 22 -27.54 -19.02 -3.38
N PHE B 23 -27.88 -19.01 -2.07
CA PHE B 23 -29.18 -18.55 -1.54
C PHE B 23 -29.76 -17.29 -2.29
N GLN B 24 -31.00 -17.40 -2.81
CA GLN B 24 -31.84 -18.63 -2.83
C GLN B 24 -32.92 -18.51 -3.93
N ARG B 25 -34.19 -18.41 -3.49
CA ARG B 25 -35.35 -18.05 -4.33
C ARG B 25 -35.53 -16.50 -4.32
N SER B 26 -34.96 -15.89 -3.28
CA SER B 26 -34.79 -14.44 -3.19
C SER B 26 -33.28 -14.02 -3.31
N ALA B 27 -32.53 -14.58 -4.30
CA ALA B 27 -31.12 -14.17 -4.67
C ALA B 27 -31.06 -13.04 -5.74
N SER B 28 -32.27 -12.81 -6.29
CA SER B 28 -32.76 -11.59 -6.98
C SER B 28 -33.11 -10.58 -5.88
N ALA B 29 -33.90 -11.06 -4.92
CA ALA B 29 -34.20 -10.30 -3.74
C ALA B 29 -35.37 -9.50 -4.24
N PHE B 30 -35.17 -8.18 -4.26
CA PHE B 30 -36.20 -7.19 -4.57
C PHE B 30 -35.92 -6.53 -5.91
N ARG B 31 -36.75 -6.89 -6.89
CA ARG B 31 -36.52 -6.49 -8.26
C ARG B 31 -37.80 -5.91 -8.84
N ASN B 32 -38.48 -5.13 -8.02
CA ASN B 32 -39.65 -4.33 -8.51
C ASN B 32 -39.11 -3.04 -9.15
N TRP B 33 -39.93 -2.33 -9.93
CA TRP B 33 -39.64 -1.06 -10.58
C TRP B 33 -40.65 -0.01 -10.31
N LEU B 34 -40.12 1.16 -9.98
CA LEU B 34 -40.80 2.46 -10.04
C LEU B 34 -41.24 2.70 -11.50
N THR B 35 -42.55 2.88 -11.75
CA THR B 35 -43.04 3.27 -13.06
C THR B 35 -43.94 4.50 -13.01
N ALA B 36 -44.02 5.23 -14.15
CA ALA B 36 -44.70 6.54 -14.12
C ALA B 36 -46.18 6.23 -14.04
N ASP B 37 -46.61 5.05 -14.46
CA ASP B 37 -48.02 4.69 -14.16
C ASP B 37 -48.39 3.69 -13.01
N GLY B 38 -47.45 3.07 -12.30
CA GLY B 38 -47.83 2.03 -11.30
C GLY B 38 -47.91 0.58 -11.83
N ALA B 39 -47.61 0.37 -13.13
CA ALA B 39 -47.62 -0.98 -13.71
C ALA B 39 -46.35 -1.66 -13.33
N PRO B 40 -46.39 -2.97 -13.17
CA PRO B 40 -45.18 -3.78 -13.06
C PRO B 40 -44.10 -3.43 -14.06
N GLY B 41 -42.84 -3.45 -13.60
CA GLY B 41 -41.74 -3.24 -14.51
C GLY B 41 -41.53 -4.60 -15.08
N PRO B 42 -40.45 -4.76 -15.89
CA PRO B 42 -40.12 -6.10 -16.45
C PRO B 42 -40.00 -7.31 -15.45
N THR B 43 -39.77 -7.08 -14.15
CA THR B 43 -39.67 -8.14 -13.12
C THR B 43 -40.45 -7.60 -11.98
N GLY B 44 -40.69 -8.39 -10.97
CA GLY B 44 -41.32 -7.83 -9.78
C GLY B 44 -42.77 -7.53 -10.02
N THR B 45 -43.38 -6.96 -9.01
CA THR B 45 -44.74 -6.57 -9.12
C THR B 45 -44.83 -5.04 -9.31
N GLY B 46 -46.07 -4.56 -9.54
CA GLY B 46 -46.46 -3.14 -9.44
C GLY B 46 -46.82 -2.99 -7.95
N GLY B 47 -47.44 -1.92 -7.49
CA GLY B 47 -47.75 -0.71 -8.23
C GLY B 47 -46.92 0.30 -7.40
N PHE B 48 -45.74 0.55 -7.92
CA PHE B 48 -44.86 1.50 -7.25
C PHE B 48 -44.87 2.70 -8.19
N ILE B 49 -45.91 3.51 -8.09
CA ILE B 49 -46.02 4.60 -9.06
C ILE B 49 -45.02 5.72 -8.68
N ALA B 50 -44.48 6.40 -9.70
CA ALA B 50 -43.64 7.56 -9.39
C ALA B 50 -44.42 8.70 -8.72
N GLU B 51 -43.92 9.22 -7.63
CA GLU B 51 -44.56 10.32 -6.96
C GLU B 51 -43.71 10.83 -5.82
N LYS B 52 -44.04 12.01 -5.32
CA LYS B 52 -43.33 12.59 -4.22
C LYS B 52 -43.72 12.00 -2.90
N ASP B 53 -42.92 12.29 -1.90
CA ASP B 53 -43.13 11.90 -0.54
C ASP B 53 -43.37 10.45 -0.26
N ARG B 54 -42.78 9.60 -1.06
CA ARG B 54 -43.00 8.21 -0.90
C ARG B 54 -41.73 7.37 -0.86
N TYR B 55 -40.73 7.70 -1.66
CA TYR B 55 -39.57 6.82 -1.82
C TYR B 55 -38.36 7.43 -1.11
N HIS B 56 -37.46 6.52 -0.73
CA HIS B 56 -36.32 6.80 0.17
C HIS B 56 -35.18 5.90 -0.25
N LEU B 57 -33.96 6.41 -0.18
CA LEU B 57 -32.81 5.49 -0.49
C LEU B 57 -32.06 5.30 0.83
N TYR B 58 -31.71 4.06 1.11
CA TYR B 58 -30.67 3.76 2.02
C TYR B 58 -29.37 3.46 1.30
N VAL B 59 -28.34 4.19 1.74
CA VAL B 59 -27.01 3.94 1.15
C VAL B 59 -25.87 4.10 2.20
N SER B 60 -24.66 3.66 1.78
CA SER B 60 -23.38 4.06 2.39
C SER B 60 -22.70 5.08 1.39
N LEU B 61 -22.05 6.14 1.87
CA LEU B 61 -21.12 6.86 1.04
C LEU B 61 -19.91 6.04 0.62
N ALA B 62 -19.59 4.95 1.32
CA ALA B 62 -18.34 4.23 1.04
C ALA B 62 -18.49 3.33 -0.14
N CYS B 63 -19.72 2.92 -0.48
CA CYS B 63 -19.93 1.75 -1.37
C CYS B 63 -20.22 2.21 -2.85
N PRO B 64 -19.53 1.64 -3.87
CA PRO B 64 -19.80 2.26 -5.23
C PRO B 64 -21.18 2.03 -5.80
N TRP B 65 -21.81 0.90 -5.52
CA TRP B 65 -23.18 0.72 -6.06
C TRP B 65 -24.13 1.73 -5.44
N ALA B 66 -23.86 2.07 -4.23
CA ALA B 66 -24.78 2.98 -3.60
C ALA B 66 -24.45 4.41 -4.05
N HIS B 67 -23.18 4.62 -4.36
CA HIS B 67 -22.76 5.97 -4.69
C HIS B 67 -23.43 6.37 -6.02
N ARG B 68 -23.54 5.43 -6.94
CA ARG B 68 -24.06 5.75 -8.24
C ARG B 68 -25.54 6.21 -8.06
N THR B 69 -26.27 5.68 -7.07
CA THR B 69 -27.63 6.09 -6.93
C THR B 69 -27.62 7.53 -6.48
N LEU B 70 -26.64 7.94 -5.67
CA LEU B 70 -26.67 9.35 -5.19
C LEU B 70 -26.33 10.26 -6.37
N ILE B 71 -25.38 9.83 -7.16
CA ILE B 71 -25.02 10.72 -8.32
C ILE B 71 -26.22 10.88 -9.26
N MET B 72 -26.93 9.78 -9.57
CA MET B 72 -28.06 9.87 -10.52
C MET B 72 -29.17 10.70 -9.85
N ARG B 73 -29.27 10.65 -8.54
CA ARG B 73 -30.23 11.51 -7.85
C ARG B 73 -29.88 12.97 -8.06
N LYS B 74 -28.62 13.30 -8.04
CA LYS B 74 -28.21 14.69 -8.27
C LYS B 74 -28.36 15.09 -9.72
N LEU B 75 -27.88 14.25 -10.65
CA LEU B 75 -27.87 14.63 -12.05
C LEU B 75 -29.32 14.82 -12.48
N LYS B 76 -30.21 13.93 -11.97
CA LYS B 76 -31.60 13.99 -12.40
C LYS B 76 -32.48 15.04 -11.61
N GLY B 77 -31.97 15.72 -10.59
CA GLY B 77 -32.83 16.63 -9.86
C GLY B 77 -33.84 15.88 -8.98
N LEU B 78 -33.49 14.73 -8.38
CA LEU B 78 -34.49 13.93 -7.71
C LEU B 78 -34.49 14.23 -6.22
N GLU B 79 -33.72 15.22 -5.78
CA GLU B 79 -33.81 15.58 -4.37
C GLU B 79 -35.21 15.80 -3.84
N PRO B 80 -36.08 16.49 -4.61
CA PRO B 80 -37.41 16.76 -3.99
C PRO B 80 -38.25 15.49 -3.96
N PHE B 81 -37.85 14.43 -4.65
CA PHE B 81 -38.60 13.15 -4.74
C PHE B 81 -38.08 12.06 -3.82
N ILE B 82 -36.78 12.05 -3.56
CA ILE B 82 -36.16 10.90 -2.86
C ILE B 82 -35.34 11.34 -1.73
N SER B 83 -35.69 10.90 -0.49
CA SER B 83 -35.08 11.34 0.77
C SER B 83 -33.98 10.25 0.97
N VAL B 84 -33.01 10.52 1.80
CA VAL B 84 -31.89 9.57 1.86
C VAL B 84 -31.46 9.22 3.30
N SER B 85 -31.06 7.98 3.53
CA SER B 85 -30.42 7.73 4.83
C SER B 85 -29.10 7.10 4.49
N VAL B 86 -28.10 7.44 5.32
CA VAL B 86 -26.70 6.97 5.19
C VAL B 86 -26.23 6.03 6.32
N VAL B 87 -25.89 4.79 6.00
CA VAL B 87 -25.44 3.92 7.06
C VAL B 87 -24.04 4.30 7.49
N ASN B 88 -23.63 3.74 8.60
CA ASN B 88 -22.30 3.98 9.11
C ASN B 88 -21.33 3.26 8.19
N PRO B 89 -20.11 3.86 8.02
CA PRO B 89 -19.09 3.31 7.14
C PRO B 89 -18.45 1.98 7.63
N LEU B 90 -18.40 1.76 8.97
CA LEU B 90 -17.81 0.51 9.50
C LEU B 90 -18.81 -0.61 9.50
N MET B 91 -18.51 -1.59 8.68
CA MET B 91 -19.37 -2.71 8.47
C MET B 91 -18.65 -3.90 9.10
N LEU B 92 -18.99 -4.15 10.36
CA LEU B 92 -18.44 -5.28 11.11
C LEU B 92 -19.34 -6.58 11.09
N GLU B 93 -19.56 -7.18 12.28
CA GLU B 93 -20.10 -8.57 12.46
C GLU B 93 -21.58 -8.63 12.02
N ASN B 94 -22.34 -7.70 12.62
CA ASN B 94 -23.59 -7.13 12.14
C ASN B 94 -23.86 -6.60 10.66
N GLY B 95 -22.89 -6.49 9.76
CA GLY B 95 -23.16 -5.88 8.43
C GLY B 95 -23.53 -4.39 8.58
N TRP B 96 -24.21 -3.78 7.59
CA TRP B 96 -24.26 -2.30 7.69
C TRP B 96 -25.14 -1.95 8.87
N THR B 97 -24.88 -0.80 9.44
CA THR B 97 -25.45 -0.38 10.64
C THR B 97 -25.90 1.02 10.70
N PHE B 98 -26.84 1.35 11.56
CA PHE B 98 -27.35 2.71 11.55
C PHE B 98 -26.78 3.46 12.61
N ASP B 99 -25.64 2.95 13.10
CA ASP B 99 -24.91 3.74 14.10
C ASP B 99 -24.59 5.14 13.51
N ASP B 100 -24.90 6.22 14.25
CA ASP B 100 -24.82 7.60 13.77
C ASP B 100 -23.77 8.57 14.41
N SER B 101 -22.73 7.97 14.97
CA SER B 101 -21.69 8.74 15.68
C SER B 101 -20.49 9.10 14.80
N PHE B 102 -20.69 9.73 13.65
CA PHE B 102 -19.64 9.74 12.61
C PHE B 102 -20.18 10.69 11.63
N PRO B 103 -19.49 11.80 11.34
CA PRO B 103 -20.05 12.85 10.47
C PRO B 103 -20.64 12.35 9.11
N GLY B 104 -21.86 12.77 8.78
CA GLY B 104 -22.56 12.31 7.60
C GLY B 104 -23.21 10.93 7.71
N ALA B 105 -23.03 10.16 8.81
CA ALA B 105 -23.82 8.89 8.95
C ALA B 105 -25.06 9.37 9.71
N THR B 106 -26.21 9.06 9.15
CA THR B 106 -27.43 9.78 9.60
C THR B 106 -28.28 8.90 10.63
N GLY B 107 -27.93 7.65 10.81
CA GLY B 107 -28.81 6.73 11.49
C GLY B 107 -29.98 6.53 10.54
N ASP B 108 -30.74 5.45 10.73
CA ASP B 108 -32.07 5.30 10.08
C ASP B 108 -33.14 6.42 10.38
N THR B 109 -33.26 7.41 9.47
CA THR B 109 -34.04 8.63 9.74
C THR B 109 -35.58 8.43 9.56
N LEU B 110 -35.98 7.21 9.19
CA LEU B 110 -37.40 6.83 9.17
C LEU B 110 -37.90 6.09 10.45
N TYR B 111 -37.34 4.93 10.69
CA TYR B 111 -37.74 3.99 11.73
C TYR B 111 -36.74 3.78 12.86
N GLN B 112 -35.64 4.50 12.80
CA GLN B 112 -34.54 4.30 13.71
C GLN B 112 -34.26 2.85 14.06
N ASN B 113 -34.50 1.94 13.13
CA ASN B 113 -33.84 0.63 13.24
C ASN B 113 -32.32 0.84 13.57
N GLU B 114 -31.61 -0.22 13.85
CA GLU B 114 -30.23 -0.01 14.24
C GLU B 114 -29.34 -0.86 13.35
N PHE B 115 -29.93 -1.83 12.66
CA PHE B 115 -29.23 -2.60 11.66
C PHE B 115 -29.94 -2.65 10.30
N LEU B 116 -29.17 -2.66 9.22
CA LEU B 116 -29.80 -2.62 7.90
C LEU B 116 -30.62 -3.87 7.79
N TYR B 117 -30.27 -4.93 8.50
CA TYR B 117 -30.92 -6.21 8.17
C TYR B 117 -32.38 -6.13 8.72
N GLN B 118 -32.64 -5.24 9.69
CA GLN B 118 -33.99 -4.96 10.16
C GLN B 118 -34.91 -4.43 9.10
N LEU B 119 -34.36 -3.59 8.22
CA LEU B 119 -35.17 -3.22 7.08
C LEU B 119 -35.51 -4.41 6.22
N TYR B 120 -34.54 -5.26 5.91
CA TYR B 120 -34.82 -6.33 4.94
C TYR B 120 -35.78 -7.31 5.67
N LEU B 121 -35.73 -7.37 7.01
CA LEU B 121 -36.60 -8.39 7.73
C LEU B 121 -38.01 -7.86 7.87
N HIS B 122 -38.15 -6.59 8.30
CA HIS B 122 -39.39 -5.80 8.29
C HIS B 122 -40.12 -5.97 6.96
N ALA B 123 -39.44 -6.44 5.93
CA ALA B 123 -40.06 -6.56 4.64
C ALA B 123 -40.20 -7.97 4.11
N ASP B 124 -39.39 -8.92 4.63
CA ASP B 124 -39.53 -10.40 4.35
C ASP B 124 -38.95 -11.13 5.58
N PRO B 125 -39.84 -11.67 6.47
CA PRO B 125 -39.14 -12.09 7.70
C PRO B 125 -38.53 -13.45 7.62
N HIS B 126 -38.59 -14.06 6.43
CA HIS B 126 -38.18 -15.44 6.16
C HIS B 126 -37.14 -15.30 5.02
N TYR B 127 -36.55 -14.09 4.94
CA TYR B 127 -35.53 -13.70 3.93
C TYR B 127 -34.17 -14.42 4.08
N SER B 128 -33.66 -14.91 2.96
CA SER B 128 -32.31 -15.52 2.82
C SER B 128 -31.43 -14.83 1.75
N GLY B 129 -30.34 -14.16 2.17
CA GLY B 129 -29.27 -13.74 1.26
C GLY B 129 -28.45 -12.54 1.77
N ARG B 130 -27.68 -11.92 0.86
CA ARG B 130 -26.90 -10.71 1.23
C ARG B 130 -27.82 -9.53 1.78
N VAL B 131 -27.44 -8.79 2.84
CA VAL B 131 -28.05 -7.51 3.23
C VAL B 131 -27.18 -6.29 2.73
N THR B 132 -27.47 -5.79 1.51
CA THR B 132 -26.58 -4.82 0.78
C THR B 132 -27.21 -3.42 0.69
N VAL B 133 -26.39 -2.37 0.46
CA VAL B 133 -26.90 -1.05 -0.03
C VAL B 133 -26.62 -1.03 -1.50
N PRO B 134 -27.33 -0.13 -2.25
CA PRO B 134 -28.35 0.77 -1.75
C PRO B 134 -29.69 -0.05 -1.61
N VAL B 135 -30.62 0.52 -0.89
CA VAL B 135 -31.93 -0.02 -0.98
C VAL B 135 -32.91 1.16 -1.26
N LEU B 136 -33.83 0.92 -2.20
CA LEU B 136 -34.82 1.95 -2.53
C LEU B 136 -36.10 1.48 -1.80
N TRP B 137 -36.59 2.31 -0.87
CA TRP B 137 -37.59 1.89 0.06
C TRP B 137 -38.84 2.67 -0.23
N ASP B 138 -39.97 2.01 -0.03
CA ASP B 138 -41.35 2.57 -0.25
C ASP B 138 -41.92 2.95 1.10
N LYS B 139 -41.98 4.22 1.46
CA LYS B 139 -42.40 4.62 2.78
C LYS B 139 -43.93 4.32 2.92
N LYS B 140 -44.61 3.96 1.83
CA LYS B 140 -46.07 3.94 1.91
C LYS B 140 -46.57 2.57 2.39
N ASN B 141 -46.15 1.56 1.63
CA ASN B 141 -46.28 0.16 1.92
C ASN B 141 -45.20 -0.43 2.81
N HIS B 142 -44.29 0.38 3.40
CA HIS B 142 -43.18 -0.18 4.21
C HIS B 142 -42.57 -1.47 3.61
N THR B 143 -42.08 -1.40 2.37
CA THR B 143 -41.37 -2.52 1.77
C THR B 143 -40.21 -1.96 0.79
N ILE B 144 -39.45 -2.85 0.20
CA ILE B 144 -38.28 -2.45 -0.50
C ILE B 144 -38.70 -2.55 -1.97
N VAL B 145 -38.64 -1.45 -2.73
CA VAL B 145 -38.91 -1.67 -4.14
C VAL B 145 -37.86 -2.49 -4.78
N SER B 146 -36.61 -2.10 -4.43
CA SER B 146 -35.40 -2.59 -5.17
C SER B 146 -34.13 -2.45 -4.31
N ASN B 147 -33.26 -3.43 -4.53
CA ASN B 147 -31.89 -3.35 -3.98
C ASN B 147 -30.98 -3.75 -5.05
N GLU B 148 -31.50 -3.65 -6.29
CA GLU B 148 -30.60 -3.81 -7.42
C GLU B 148 -30.08 -2.41 -7.99
N SER B 149 -28.84 -2.08 -7.78
CA SER B 149 -28.32 -0.75 -8.09
C SER B 149 -28.54 -0.39 -9.53
N ALA B 150 -28.13 -1.28 -10.43
CA ALA B 150 -28.26 -1.05 -11.83
C ALA B 150 -29.74 -0.71 -12.25
N GLU B 151 -30.76 -1.19 -11.54
CA GLU B 151 -32.13 -0.97 -11.97
C GLU B 151 -32.64 0.25 -11.33
N ILE B 152 -32.23 0.49 -10.11
CA ILE B 152 -32.58 1.74 -9.49
C ILE B 152 -32.09 2.94 -10.40
N ILE B 153 -30.92 2.84 -10.98
CA ILE B 153 -30.41 4.02 -11.60
C ILE B 153 -31.21 4.10 -12.95
N ARG B 154 -31.64 2.99 -13.49
CA ARG B 154 -32.35 3.02 -14.75
C ARG B 154 -33.81 3.57 -14.55
N MET B 155 -34.40 3.28 -13.42
CA MET B 155 -35.68 3.88 -13.03
C MET B 155 -35.55 5.37 -12.96
N PHE B 156 -34.50 5.88 -12.32
CA PHE B 156 -34.23 7.30 -12.19
C PHE B 156 -34.11 8.03 -13.52
N ASN B 157 -33.67 7.38 -14.60
CA ASN B 157 -33.55 8.08 -15.86
C ASN B 157 -34.85 8.74 -16.26
N THR B 158 -35.98 8.09 -15.94
CA THR B 158 -37.27 8.47 -16.58
C THR B 158 -38.49 8.46 -15.75
N ALA B 159 -38.49 7.72 -14.65
CA ALA B 159 -39.73 7.48 -14.00
C ALA B 159 -40.32 8.85 -13.51
N PHE B 160 -39.49 9.88 -13.27
CA PHE B 160 -39.93 11.06 -12.66
C PHE B 160 -39.98 12.25 -13.71
N ASP B 161 -39.77 11.95 -14.98
CA ASP B 161 -39.68 13.11 -15.90
C ASP B 161 -41.00 13.88 -15.96
N ALA B 162 -42.13 13.19 -16.07
CA ALA B 162 -43.41 13.94 -16.14
C ALA B 162 -43.67 14.84 -14.93
N LEU B 163 -43.12 14.44 -13.80
CA LEU B 163 -43.36 15.18 -12.59
C LEU B 163 -42.32 16.28 -12.37
N GLY B 164 -41.39 16.41 -13.28
CA GLY B 164 -40.49 17.51 -13.23
C GLY B 164 -38.99 17.14 -13.05
N ALA B 165 -38.56 15.87 -13.18
CA ALA B 165 -37.08 15.62 -13.08
C ALA B 165 -36.19 16.52 -14.03
N LYS B 166 -34.93 16.81 -13.74
CA LYS B 166 -34.03 17.38 -14.71
C LYS B 166 -33.86 16.53 -15.96
N ALA B 167 -33.65 17.19 -17.11
CA ALA B 167 -33.48 16.45 -18.37
C ALA B 167 -32.18 15.63 -18.27
N GLY B 168 -32.20 14.44 -18.85
CA GLY B 168 -30.97 13.70 -19.04
C GLY B 168 -31.49 12.25 -19.20
N ASP B 169 -30.76 11.46 -20.00
CA ASP B 169 -31.05 10.06 -20.07
C ASP B 169 -29.69 9.40 -20.23
N TYR B 170 -29.27 8.66 -19.22
CA TYR B 170 -27.94 8.06 -19.11
C TYR B 170 -27.86 6.61 -19.63
N TYR B 171 -28.99 6.10 -20.16
CA TYR B 171 -29.09 4.75 -20.82
C TYR B 171 -29.96 4.83 -22.13
N PRO B 172 -29.59 5.72 -23.03
CA PRO B 172 -30.37 5.89 -24.24
C PRO B 172 -30.27 4.70 -25.19
N PRO B 173 -31.40 4.36 -25.83
CA PRO B 173 -31.48 3.21 -26.74
C PRO B 173 -30.40 3.13 -27.80
N ALA B 174 -30.01 4.27 -28.34
CA ALA B 174 -28.97 4.40 -29.35
C ALA B 174 -27.64 3.81 -28.81
N LEU B 175 -27.39 4.03 -27.51
CA LEU B 175 -26.08 3.72 -26.95
C LEU B 175 -26.13 2.44 -26.09
N GLN B 176 -27.30 1.82 -25.92
CA GLN B 176 -27.38 0.73 -24.97
C GLN B 176 -26.47 -0.50 -25.31
N THR B 177 -26.27 -0.76 -26.56
CA THR B 177 -25.52 -1.96 -26.86
C THR B 177 -24.01 -1.66 -26.40
N LYS B 178 -23.51 -0.47 -26.76
CA LYS B 178 -22.17 -0.11 -26.43
C LYS B 178 -21.98 -0.06 -24.91
N ILE B 179 -22.96 0.54 -24.24
CA ILE B 179 -22.97 0.67 -22.83
C ILE B 179 -22.94 -0.69 -22.19
N ASP B 180 -23.68 -1.66 -22.72
CA ASP B 180 -23.71 -2.97 -22.06
C ASP B 180 -22.34 -3.68 -22.26
N GLU B 181 -21.69 -3.54 -23.41
CA GLU B 181 -20.38 -4.23 -23.59
C GLU B 181 -19.45 -3.60 -22.54
N LEU B 182 -19.43 -2.26 -22.49
CA LEU B 182 -18.52 -1.61 -21.56
C LEU B 182 -18.79 -2.07 -20.13
N ASN B 183 -20.03 -2.13 -19.73
CA ASN B 183 -20.34 -2.48 -18.37
C ASN B 183 -19.80 -3.85 -18.02
N GLY B 184 -19.67 -4.71 -19.01
CA GLY B 184 -19.20 -6.05 -18.82
C GLY B 184 -17.72 -6.20 -18.59
N TRP B 185 -16.89 -5.75 -19.50
CA TRP B 185 -15.48 -5.89 -19.27
C TRP B 185 -14.93 -5.02 -18.17
N ILE B 186 -15.53 -3.87 -17.93
CA ILE B 186 -15.12 -3.08 -16.82
C ILE B 186 -15.47 -3.75 -15.53
N TYR B 187 -16.54 -4.51 -15.51
CA TYR B 187 -16.82 -5.27 -14.32
C TYR B 187 -15.85 -6.41 -14.19
N ASP B 188 -15.67 -7.16 -15.26
CA ASP B 188 -14.80 -8.34 -15.15
C ASP B 188 -13.43 -7.88 -14.69
N THR B 189 -12.78 -7.05 -15.50
CA THR B 189 -11.36 -6.78 -15.44
C THR B 189 -10.98 -5.67 -14.41
N VAL B 190 -11.91 -4.83 -14.11
CA VAL B 190 -11.56 -3.77 -13.19
C VAL B 190 -12.41 -3.71 -11.90
N ASN B 191 -13.74 -3.54 -11.93
CA ASN B 191 -14.42 -3.22 -10.66
C ASN B 191 -14.33 -4.36 -9.73
N ASN B 192 -14.13 -5.51 -10.35
CA ASN B 192 -14.19 -6.73 -9.62
C ASN B 192 -12.71 -7.10 -9.51
N GLY B 193 -11.95 -6.97 -10.63
CA GLY B 193 -10.47 -7.15 -10.70
C GLY B 193 -9.69 -6.63 -9.45
N VAL B 194 -10.06 -5.48 -8.94
CA VAL B 194 -9.38 -4.99 -7.80
C VAL B 194 -9.74 -5.76 -6.54
N TYR B 195 -10.90 -6.39 -6.49
CA TYR B 195 -11.30 -7.09 -5.26
C TYR B 195 -10.60 -8.42 -5.29
N LYS B 196 -10.60 -9.00 -6.47
CA LYS B 196 -9.87 -10.19 -6.75
C LYS B 196 -8.39 -10.00 -6.30
N ALA B 197 -7.60 -9.09 -6.92
CA ALA B 197 -6.27 -8.83 -6.43
C ALA B 197 -6.30 -8.54 -4.95
N GLY B 198 -7.16 -7.70 -4.49
CA GLY B 198 -7.08 -7.34 -3.11
C GLY B 198 -7.27 -8.51 -2.12
N PHE B 199 -7.92 -9.57 -2.57
CA PHE B 199 -8.34 -10.62 -1.62
C PHE B 199 -7.67 -11.94 -1.91
N ALA B 200 -6.78 -11.93 -2.90
CA ALA B 200 -6.06 -13.11 -3.42
C ALA B 200 -5.41 -13.72 -2.22
N THR B 201 -5.16 -15.02 -2.29
CA THR B 201 -4.53 -15.70 -1.16
C THR B 201 -3.32 -16.36 -1.72
N SER B 202 -3.41 -16.57 -3.00
CA SER B 202 -2.37 -17.06 -3.71
C SER B 202 -1.67 -15.84 -4.32
N GLN B 203 -0.36 -15.89 -4.37
CA GLN B 203 0.38 -14.88 -5.06
C GLN B 203 0.06 -14.91 -6.52
N GLU B 204 -0.16 -16.09 -7.04
CA GLU B 204 -0.39 -16.31 -8.46
C GLU B 204 -1.76 -15.80 -8.88
N ALA B 205 -2.69 -15.76 -7.94
CA ALA B 205 -4.03 -15.28 -8.17
C ALA B 205 -3.89 -13.80 -8.29
N TYR B 206 -3.41 -13.20 -7.22
CA TYR B 206 -2.86 -11.86 -7.23
C TYR B 206 -2.16 -11.46 -8.49
N ASP B 207 -1.08 -12.10 -8.88
CA ASP B 207 -0.54 -11.55 -10.10
C ASP B 207 -1.55 -11.48 -11.18
N GLU B 208 -2.56 -12.32 -11.13
CA GLU B 208 -3.24 -12.45 -12.40
C GLU B 208 -4.26 -11.32 -12.53
N ALA B 209 -4.95 -11.12 -11.41
CA ALA B 209 -5.96 -10.09 -11.18
C ALA B 209 -5.28 -8.76 -11.48
N VAL B 210 -4.23 -8.51 -10.71
CA VAL B 210 -3.56 -7.20 -10.80
C VAL B 210 -3.11 -6.99 -12.18
N ALA B 211 -2.72 -8.01 -12.92
CA ALA B 211 -2.28 -7.55 -14.21
C ALA B 211 -3.39 -7.13 -15.22
N LYS B 212 -4.53 -7.72 -14.98
CA LYS B 212 -5.69 -7.51 -15.76
C LYS B 212 -6.22 -6.08 -15.49
N VAL B 213 -6.34 -5.70 -14.21
CA VAL B 213 -6.57 -4.31 -13.80
C VAL B 213 -5.75 -3.42 -14.64
N PHE B 214 -4.42 -3.54 -14.60
CA PHE B 214 -3.61 -2.57 -15.34
C PHE B 214 -3.64 -2.68 -16.85
N GLU B 215 -3.99 -3.84 -17.35
CA GLU B 215 -4.19 -3.93 -18.79
C GLU B 215 -5.53 -3.20 -19.14
N SER B 216 -6.56 -3.35 -18.32
CA SER B 216 -7.76 -2.53 -18.60
C SER B 216 -7.52 -1.00 -18.47
N LEU B 217 -6.88 -0.50 -17.40
CA LEU B 217 -6.58 0.89 -17.33
C LEU B 217 -5.93 1.40 -18.58
N ALA B 218 -5.05 0.62 -19.17
CA ALA B 218 -4.37 1.15 -20.30
C ALA B 218 -5.29 1.20 -21.47
N ARG B 219 -6.18 0.23 -21.61
CA ARG B 219 -7.15 0.25 -22.72
C ARG B 219 -8.09 1.49 -22.57
N LEU B 220 -8.62 1.66 -21.37
CA LEU B 220 -9.43 2.88 -21.02
C LEU B 220 -8.71 4.17 -21.33
N GLU B 221 -7.44 4.24 -20.98
CA GLU B 221 -6.74 5.51 -21.14
C GLU B 221 -6.64 5.73 -22.62
N GLN B 222 -6.65 4.66 -23.41
CA GLN B 222 -6.62 4.93 -24.84
C GLN B 222 -7.99 5.41 -25.42
N ILE B 223 -9.05 4.74 -25.07
CA ILE B 223 -10.42 5.18 -25.44
C ILE B 223 -10.70 6.63 -25.02
N LEU B 224 -10.26 6.98 -23.82
CA LEU B 224 -10.56 8.31 -23.30
C LEU B 224 -9.66 9.36 -23.84
N GLY B 225 -8.77 8.95 -24.75
CA GLY B 225 -7.95 9.96 -25.41
C GLY B 225 -8.58 10.22 -26.79
N GLN B 226 -9.46 9.32 -27.25
CA GLN B 226 -10.30 9.54 -28.45
C GLN B 226 -11.55 10.50 -28.22
N HIS B 227 -12.28 10.46 -27.07
CA HIS B 227 -13.36 11.44 -26.94
C HIS B 227 -13.58 11.69 -25.48
N ARG B 228 -14.53 12.57 -25.08
CA ARG B 228 -14.61 13.02 -23.70
C ARG B 228 -14.98 11.85 -22.76
N TYR B 229 -15.81 10.93 -23.27
CA TYR B 229 -16.44 9.88 -22.45
C TYR B 229 -16.32 8.52 -23.15
N LEU B 230 -16.79 7.47 -22.48
CA LEU B 230 -16.43 6.11 -22.89
C LEU B 230 -17.01 5.83 -24.27
N THR B 231 -18.22 6.34 -24.57
CA THR B 231 -18.88 5.92 -25.86
C THR B 231 -18.81 7.00 -26.93
N GLY B 232 -18.31 8.19 -26.59
CA GLY B 232 -18.30 9.33 -27.51
C GLY B 232 -18.37 10.52 -26.64
N ASN B 233 -19.12 11.52 -27.06
CA ASN B 233 -19.19 12.79 -26.38
C ASN B 233 -20.43 12.89 -25.47
N GLN B 234 -21.16 11.80 -25.32
CA GLN B 234 -22.26 11.80 -24.34
C GLN B 234 -21.90 11.09 -22.98
N LEU B 235 -22.34 11.60 -21.83
CA LEU B 235 -22.10 10.98 -20.58
C LEU B 235 -23.13 9.88 -20.39
N THR B 236 -22.76 8.69 -19.90
CA THR B 236 -23.71 7.58 -19.72
C THR B 236 -23.56 6.92 -18.48
N GLU B 237 -24.45 6.02 -18.19
CA GLU B 237 -24.23 5.22 -16.98
C GLU B 237 -22.90 4.37 -16.98
N ALA B 238 -22.38 3.99 -18.12
CA ALA B 238 -21.09 3.28 -18.17
C ALA B 238 -19.94 4.16 -17.61
N ASP B 239 -20.00 5.45 -17.92
CA ASP B 239 -19.06 6.43 -17.37
C ASP B 239 -19.25 6.57 -15.89
N ILE B 240 -20.48 6.61 -15.48
CA ILE B 240 -20.66 6.77 -14.07
C ILE B 240 -20.22 5.52 -13.27
N ARG B 241 -20.43 4.36 -13.84
CA ARG B 241 -19.97 3.11 -13.21
C ARG B 241 -18.39 3.11 -13.13
N LEU B 242 -17.66 3.42 -14.20
CA LEU B 242 -16.16 3.48 -14.15
C LEU B 242 -15.74 4.53 -13.12
N TRP B 243 -16.34 5.70 -13.17
CA TRP B 243 -15.95 6.77 -12.28
C TRP B 243 -15.95 6.43 -10.81
N THR B 244 -16.92 5.67 -10.44
CA THR B 244 -17.22 5.36 -9.08
C THR B 244 -16.13 4.40 -8.50
N THR B 245 -15.52 3.67 -9.39
CA THR B 245 -14.35 2.85 -9.14
C THR B 245 -13.09 3.73 -9.11
N LEU B 246 -12.88 4.48 -10.17
CA LEU B 246 -11.72 5.46 -10.23
C LEU B 246 -11.58 6.34 -9.08
N VAL B 247 -12.69 6.79 -8.55
CA VAL B 247 -12.60 7.76 -7.54
C VAL B 247 -12.17 7.01 -6.22
N ARG B 248 -12.20 5.68 -6.21
CA ARG B 248 -11.72 5.08 -4.94
C ARG B 248 -10.32 4.45 -5.14
N PHE B 249 -9.91 4.44 -6.38
CA PHE B 249 -8.68 3.77 -6.75
C PHE B 249 -7.49 4.31 -6.06
N ASP B 250 -7.22 5.61 -6.14
CA ASP B 250 -6.06 6.13 -5.44
C ASP B 250 -6.22 6.13 -3.91
N PRO B 251 -7.33 6.64 -3.37
CA PRO B 251 -7.34 6.59 -1.91
C PRO B 251 -7.52 5.14 -1.31
N VAL B 252 -7.76 4.08 -2.08
CA VAL B 252 -7.97 2.78 -1.38
C VAL B 252 -7.36 1.74 -2.13
N TYR B 253 -7.76 1.59 -3.34
CA TYR B 253 -7.35 0.41 -4.02
C TYR B 253 -5.85 0.24 -4.19
N VAL B 254 -5.16 1.34 -4.39
CA VAL B 254 -3.73 1.33 -4.72
C VAL B 254 -2.93 0.74 -3.51
N THR B 255 -3.19 1.22 -2.32
CA THR B 255 -2.50 0.69 -1.19
C THR B 255 -3.19 -0.53 -0.58
N HIS B 256 -4.43 -0.36 -0.16
CA HIS B 256 -5.22 -1.41 0.48
C HIS B 256 -5.46 -2.65 -0.37
N PHE B 257 -5.75 -2.51 -1.63
CA PHE B 257 -5.81 -3.68 -2.44
C PHE B 257 -4.52 -3.93 -3.20
N LYS B 258 -3.44 -3.21 -2.88
CA LYS B 258 -2.18 -3.51 -3.53
C LYS B 258 -2.29 -3.37 -5.01
N CYS B 259 -3.20 -2.55 -5.51
CA CYS B 259 -3.03 -2.32 -7.00
C CYS B 259 -2.12 -1.11 -7.30
N ASP B 260 -0.78 -1.32 -7.41
CA ASP B 260 0.08 -0.15 -7.10
C ASP B 260 1.05 0.10 -8.16
N LYS B 261 0.86 -0.57 -9.29
CA LYS B 261 1.76 -0.34 -10.35
C LYS B 261 1.74 1.19 -10.82
N HIS B 262 0.59 1.90 -10.77
CA HIS B 262 0.43 3.30 -11.34
C HIS B 262 -0.76 3.82 -10.58
N ARG B 263 -0.79 5.12 -10.31
CA ARG B 263 -1.90 5.78 -9.61
CA ARG B 263 -1.91 5.77 -9.62
C ARG B 263 -2.77 6.36 -10.75
N ILE B 264 -4.04 6.62 -10.48
CA ILE B 264 -4.87 7.10 -11.59
C ILE B 264 -4.22 8.49 -11.93
N SER B 265 -3.71 9.20 -10.94
CA SER B 265 -3.20 10.50 -11.21
C SER B 265 -2.02 10.45 -12.19
N ASP B 266 -1.53 9.25 -12.54
CA ASP B 266 -0.43 9.13 -13.53
C ASP B 266 -0.92 9.05 -14.95
N TYR B 267 -2.24 8.98 -15.18
CA TYR B 267 -2.68 8.77 -16.54
C TYR B 267 -3.38 10.06 -16.93
N LEU B 268 -2.94 10.66 -18.04
CA LEU B 268 -3.49 11.94 -18.47
C LEU B 268 -5.06 11.93 -18.63
N ASN B 269 -5.58 10.98 -19.37
CA ASN B 269 -7.00 10.90 -19.71
C ASN B 269 -7.84 10.30 -18.56
N LEU B 270 -7.36 9.28 -17.84
CA LEU B 270 -8.17 8.78 -16.78
C LEU B 270 -8.23 9.75 -15.66
N TYR B 271 -7.17 10.53 -15.44
CA TYR B 271 -7.27 11.34 -14.25
C TYR B 271 -8.14 12.55 -14.74
N GLY B 272 -7.98 13.04 -16.01
CA GLY B 272 -8.87 14.19 -16.44
C GLY B 272 -10.36 13.84 -16.44
N PHE B 273 -10.68 12.63 -16.89
CA PHE B 273 -12.07 12.00 -16.74
C PHE B 273 -12.55 11.99 -15.31
N LEU B 274 -11.64 11.60 -14.42
CA LEU B 274 -11.94 11.63 -12.96
C LEU B 274 -12.27 13.01 -12.49
N ARG B 275 -11.44 13.97 -12.90
CA ARG B 275 -11.65 15.36 -12.41
C ARG B 275 -12.93 15.97 -13.10
N ASP B 276 -13.17 15.50 -14.33
CA ASP B 276 -14.25 16.05 -15.19
C ASP B 276 -15.61 15.77 -14.46
N ILE B 277 -15.88 14.52 -14.17
CA ILE B 277 -17.12 14.20 -13.48
C ILE B 277 -17.17 14.72 -12.08
N TYR B 278 -16.05 14.65 -11.35
CA TYR B 278 -16.01 15.21 -9.97
C TYR B 278 -16.50 16.64 -9.90
N GLN B 279 -16.11 17.42 -10.92
CA GLN B 279 -16.41 18.85 -10.94
C GLN B 279 -17.81 19.19 -11.45
N MET B 280 -18.59 18.24 -12.00
CA MET B 280 -19.99 18.49 -12.38
C MET B 280 -20.82 18.96 -11.14
N PRO B 281 -21.71 19.92 -11.35
CA PRO B 281 -22.30 20.59 -10.17
C PRO B 281 -23.09 19.59 -9.32
N GLY B 282 -22.94 19.67 -8.00
CA GLY B 282 -23.40 18.67 -7.03
C GLY B 282 -22.69 17.31 -6.93
N ILE B 283 -21.83 16.83 -7.84
CA ILE B 283 -21.19 15.52 -7.66
C ILE B 283 -20.23 15.44 -6.50
N ALA B 284 -19.48 16.51 -6.31
CA ALA B 284 -18.43 16.56 -5.27
C ALA B 284 -19.09 16.22 -3.92
N GLU B 285 -20.28 16.71 -3.65
CA GLU B 285 -20.76 16.58 -2.29
C GLU B 285 -21.24 15.14 -2.14
N THR B 286 -21.36 14.34 -3.20
CA THR B 286 -21.70 12.96 -2.96
C THR B 286 -20.45 12.15 -2.61
N VAL B 287 -19.28 12.77 -2.59
CA VAL B 287 -18.05 11.94 -2.43
C VAL B 287 -17.56 12.22 -1.03
N ASN B 288 -17.49 11.20 -0.17
CA ASN B 288 -16.97 11.52 1.19
C ASN B 288 -15.80 10.58 1.49
N PHE B 289 -14.62 11.15 1.47
CA PHE B 289 -13.48 10.25 1.50
C PHE B 289 -13.30 9.73 2.97
N ASP B 290 -13.66 10.52 3.97
CA ASP B 290 -13.66 9.85 5.34
C ASP B 290 -14.47 8.55 5.41
N HIS B 291 -15.72 8.54 4.88
CA HIS B 291 -16.50 7.24 4.86
C HIS B 291 -15.82 6.30 4.05
N ILE B 292 -15.39 6.73 2.89
CA ILE B 292 -14.80 5.69 1.99
C ILE B 292 -13.58 4.96 2.65
N ARG B 293 -12.72 5.74 3.25
CA ARG B 293 -11.37 5.23 3.60
C ARG B 293 -11.55 4.43 4.93
N ASN B 294 -12.34 4.95 5.85
CA ASN B 294 -12.73 4.22 7.08
C ASN B 294 -13.41 2.93 6.79
N HIS B 295 -14.37 2.97 5.89
CA HIS B 295 -15.02 1.74 5.50
C HIS B 295 -13.95 0.82 5.06
N TYR B 296 -13.13 1.15 4.10
CA TYR B 296 -12.43 0.00 3.49
C TYR B 296 -11.23 -0.45 4.39
N PHE B 297 -10.57 0.47 5.13
CA PHE B 297 -9.32 0.08 5.80
C PHE B 297 -9.59 -0.63 7.17
N ARG B 298 -10.62 -0.13 7.86
CA ARG B 298 -11.27 -0.64 9.05
C ARG B 298 -12.26 -1.84 8.97
N SER B 299 -12.64 -2.33 7.80
CA SER B 299 -13.75 -3.26 7.77
C SER B 299 -13.14 -4.52 7.27
N HIS B 300 -12.08 -4.43 6.47
CA HIS B 300 -11.47 -5.69 5.98
C HIS B 300 -10.34 -6.21 6.90
N LYS B 301 -10.70 -6.70 8.09
CA LYS B 301 -9.68 -6.98 9.12
C LYS B 301 -8.75 -8.12 8.69
N THR B 302 -9.15 -8.89 7.66
CA THR B 302 -8.33 -9.99 7.12
C THR B 302 -7.15 -9.55 6.25
N ILE B 303 -7.34 -8.41 5.56
CA ILE B 303 -6.36 -7.79 4.65
C ILE B 303 -5.46 -6.81 5.45
N ASN B 304 -6.07 -6.13 6.42
CA ASN B 304 -5.50 -5.00 7.15
C ASN B 304 -5.62 -5.10 8.74
N PRO B 305 -4.82 -6.04 9.31
CA PRO B 305 -4.98 -6.47 10.71
C PRO B 305 -5.17 -5.30 11.65
N THR B 306 -4.32 -4.25 11.50
CA THR B 306 -4.37 -3.12 12.47
C THR B 306 -5.53 -2.11 12.31
N GLY B 307 -6.26 -2.29 11.17
CA GLY B 307 -7.16 -1.28 10.62
C GLY B 307 -6.59 0.16 10.58
N ILE B 308 -5.31 0.21 10.19
CA ILE B 308 -4.70 1.55 10.11
C ILE B 308 -5.04 2.11 8.73
N ILE B 309 -5.58 3.32 8.75
CA ILE B 309 -5.88 3.98 7.46
C ILE B 309 -4.56 4.70 6.90
N SER B 310 -3.98 4.25 5.79
CA SER B 310 -2.83 4.99 5.22
C SER B 310 -3.06 6.50 4.98
N ILE B 311 -2.06 7.37 5.19
CA ILE B 311 -2.17 8.80 4.83
C ILE B 311 -2.79 9.06 3.42
N GLY B 312 -2.49 8.20 2.46
CA GLY B 312 -3.17 8.18 1.16
C GLY B 312 -2.47 9.00 0.03
N PRO B 313 -2.36 8.43 -1.17
CA PRO B 313 -1.76 9.07 -2.33
C PRO B 313 -2.27 10.46 -2.50
N TRP B 314 -1.32 11.30 -2.78
CA TRP B 314 -1.67 12.70 -2.98
C TRP B 314 -2.52 12.86 -4.29
N GLN B 315 -3.58 13.65 -4.27
CA GLN B 315 -4.27 13.98 -5.58
C GLN B 315 -5.01 15.28 -5.28
N ASP B 316 -5.49 15.97 -6.33
CA ASP B 316 -6.28 17.20 -6.11
C ASP B 316 -7.32 17.25 -7.27
N LEU B 317 -8.56 16.92 -6.95
CA LEU B 317 -9.55 16.72 -7.96
C LEU B 317 -10.17 18.01 -8.46
N ASP B 318 -9.83 19.12 -7.86
CA ASP B 318 -10.35 20.42 -8.25
C ASP B 318 -9.53 21.15 -9.31
N GLU B 319 -8.41 20.58 -9.78
CA GLU B 319 -7.67 21.21 -10.85
C GLU B 319 -8.42 21.12 -12.11
N PRO B 320 -8.54 22.26 -12.84
CA PRO B 320 -9.23 22.40 -14.13
C PRO B 320 -8.81 21.26 -14.99
N HIS B 321 -9.67 20.66 -15.81
CA HIS B 321 -9.17 19.61 -16.63
C HIS B 321 -9.17 19.81 -18.11
N GLY B 322 -9.87 20.84 -18.59
CA GLY B 322 -9.88 21.04 -20.08
C GLY B 322 -10.47 19.97 -20.95
N ARG B 323 -11.10 18.94 -20.40
CA ARG B 323 -11.63 17.97 -21.38
C ARG B 323 -12.94 18.58 -22.09
N ASP B 324 -13.53 19.64 -21.53
CA ASP B 324 -14.66 20.32 -22.24
C ASP B 324 -14.20 20.98 -23.56
N VAL B 325 -12.96 21.47 -23.55
CA VAL B 325 -12.33 22.12 -24.72
C VAL B 325 -11.64 21.12 -25.65
N ARG B 326 -10.93 20.14 -25.10
CA ARG B 326 -10.16 19.34 -25.98
C ARG B 326 -11.06 18.62 -26.98
N PHE B 327 -12.24 18.35 -26.53
CA PHE B 327 -13.09 17.56 -27.41
C PHE B 327 -14.27 18.44 -27.98
N GLY B 328 -14.77 18.06 -29.16
CA GLY B 328 -14.25 16.92 -29.91
C GLY B 328 -13.30 17.26 -31.07
#